data_1BNL
#
_entry.id   1BNL
#
_cell.length_a   92.713
_cell.length_b   74.266
_cell.length_c   137.805
_cell.angle_alpha   90.00
_cell.angle_beta   102.55
_cell.angle_gamma   90.00
#
_symmetry.space_group_name_H-M   'C 1 2 1'
#
loop_
_entity.id
_entity.type
_entity.pdbx_description
1 polymer 'COLLAGEN XVIII'
2 non-polymer 'ZINC ION'
#
_entity_poly.entity_id   1
_entity_poly.type   'polypeptide(L)'
_entity_poly.pdbx_seq_one_letter_code
;HSHRDFQPVLHLVALNAPLSGGMRGIRGADFQCFQQARAVGLAGTFRAFLSSRLQDLYSIVRRADRAAVPIVNLKDELLF
PSWEALFSGSEGPLKPGARIFSFDGKDVLRHPTWPQKSVWHGSDPNGRRLTESYCETWRTEAPSATGQASSLLGGRLLGQ
SAASCHHAYIVLCIENSF
;
_entity_poly.pdbx_strand_id   A,B,C,D
#
# COMPACT_ATOMS: atom_id res chain seq x y z
N HIS A 1 15.32 -12.38 -5.45
CA HIS A 1 16.56 -12.34 -4.66
C HIS A 1 17.60 -11.42 -5.22
N SER A 2 17.87 -10.60 -4.27
CA SER A 2 18.82 -9.54 -4.25
C SER A 2 18.96 -9.23 -2.77
N HIS A 3 20.15 -9.40 -2.29
CA HIS A 3 20.45 -9.14 -0.90
C HIS A 3 21.66 -8.24 -0.86
N ARG A 4 21.86 -7.65 0.30
CA ARG A 4 22.96 -6.71 0.48
C ARG A 4 24.12 -7.35 1.24
N ASP A 5 25.29 -6.78 1.00
CA ASP A 5 26.55 -7.26 1.58
C ASP A 5 26.50 -7.21 3.11
N PHE A 6 26.04 -6.09 3.64
CA PHE A 6 25.97 -5.92 5.10
C PHE A 6 24.68 -6.54 5.66
N GLN A 7 23.97 -7.24 4.80
CA GLN A 7 22.70 -7.90 5.20
C GLN A 7 22.79 -9.40 4.95
N PRO A 8 23.63 -10.14 5.65
CA PRO A 8 23.75 -11.58 5.41
C PRO A 8 22.49 -12.35 5.73
N VAL A 9 22.36 -13.48 5.05
CA VAL A 9 21.21 -14.38 5.22
C VAL A 9 21.61 -15.76 4.67
N LEU A 10 21.05 -16.80 5.27
CA LEU A 10 21.27 -18.20 4.81
C LEU A 10 19.90 -18.83 4.61
N HIS A 11 19.68 -19.46 3.48
CA HIS A 11 18.36 -20.06 3.20
C HIS A 11 18.34 -21.56 3.52
N LEU A 12 17.24 -21.95 4.19
CA LEU A 12 17.00 -23.41 4.40
C LEU A 12 15.92 -23.67 3.33
N VAL A 13 16.27 -24.43 2.30
CA VAL A 13 15.34 -24.71 1.22
C VAL A 13 15.25 -26.21 1.08
N ALA A 14 14.07 -26.73 0.76
CA ALA A 14 13.86 -28.17 0.64
C ALA A 14 14.11 -28.72 -0.76
N LEU A 15 14.50 -30.00 -0.85
CA LEU A 15 14.71 -30.64 -2.13
C LEU A 15 13.30 -30.82 -2.66
N ASN A 16 13.19 -30.94 -3.98
CA ASN A 16 11.90 -31.04 -4.64
C ASN A 16 11.00 -32.27 -4.50
N ALA A 17 11.57 -33.40 -4.05
CA ALA A 17 10.84 -34.66 -3.86
C ALA A 17 11.30 -35.29 -2.53
N PRO A 18 10.44 -36.10 -1.87
CA PRO A 18 10.83 -36.75 -0.61
C PRO A 18 11.89 -37.78 -0.95
N LEU A 19 12.78 -38.06 -0.03
CA LEU A 19 13.84 -39.07 -0.27
C LEU A 19 13.94 -40.05 0.90
N SER A 20 14.25 -41.28 0.56
CA SER A 20 14.43 -42.36 1.55
C SER A 20 15.88 -42.32 2.04
N GLY A 21 16.19 -43.24 2.93
CA GLY A 21 17.53 -43.35 3.56
C GLY A 21 18.64 -43.55 2.51
N GLY A 22 18.29 -44.28 1.46
CA GLY A 22 19.23 -44.63 0.36
C GLY A 22 19.48 -43.41 -0.53
N MET A 23 20.20 -42.46 0.04
CA MET A 23 20.51 -41.17 -0.61
C MET A 23 21.81 -41.22 -1.43
N ARG A 24 22.33 -42.41 -1.64
CA ARG A 24 23.57 -42.59 -2.42
C ARG A 24 24.79 -42.10 -1.62
N GLY A 25 24.51 -41.57 -0.43
CA GLY A 25 25.54 -41.00 0.50
C GLY A 25 25.29 -39.48 0.64
N ILE A 26 26.13 -38.78 1.41
CA ILE A 26 25.98 -37.31 1.55
C ILE A 26 26.47 -36.65 0.25
N ARG A 27 27.43 -37.30 -0.41
CA ARG A 27 27.97 -36.82 -1.65
C ARG A 27 26.80 -36.80 -2.66
N GLY A 28 25.94 -37.81 -2.59
CA GLY A 28 24.80 -37.90 -3.48
C GLY A 28 23.69 -36.91 -3.12
N ALA A 29 23.49 -36.72 -1.84
CA ALA A 29 22.45 -35.81 -1.34
C ALA A 29 22.86 -34.36 -1.61
N ASP A 30 24.14 -34.11 -1.41
CA ASP A 30 24.72 -32.78 -1.60
C ASP A 30 24.54 -32.30 -3.05
N PHE A 31 24.75 -33.23 -3.96
CA PHE A 31 24.68 -32.94 -5.40
C PHE A 31 23.25 -32.54 -5.84
N GLN A 32 22.24 -33.06 -5.17
CA GLN A 32 20.83 -32.78 -5.52
C GLN A 32 20.42 -31.35 -5.11
N CYS A 33 20.98 -30.90 -4.01
CA CYS A 33 20.72 -29.54 -3.50
C CYS A 33 21.34 -28.53 -4.46
N PHE A 34 22.46 -28.96 -5.01
CA PHE A 34 23.27 -28.19 -5.96
C PHE A 34 22.50 -27.99 -7.26
N GLN A 35 22.08 -29.11 -7.83
CA GLN A 35 21.33 -29.12 -9.09
C GLN A 35 20.09 -28.21 -9.01
N GLN A 36 19.24 -28.61 -8.08
CA GLN A 36 17.94 -27.96 -7.84
C GLN A 36 18.08 -26.46 -7.56
N ALA A 37 19.13 -26.08 -6.83
CA ALA A 37 19.37 -24.67 -6.49
C ALA A 37 19.67 -23.84 -7.71
N ARG A 38 20.59 -24.31 -8.54
CA ARG A 38 20.91 -23.55 -9.72
C ARG A 38 19.92 -23.72 -10.88
N ALA A 39 18.92 -24.57 -10.70
CA ALA A 39 17.90 -24.77 -11.74
C ALA A 39 16.90 -23.62 -11.65
N VAL A 40 16.90 -22.98 -10.48
CA VAL A 40 16.02 -21.86 -10.14
C VAL A 40 16.82 -20.56 -9.98
N GLY A 41 18.07 -20.56 -10.44
CA GLY A 41 18.90 -19.38 -10.36
C GLY A 41 19.63 -18.96 -9.09
N LEU A 42 19.52 -19.73 -7.99
CA LEU A 42 20.17 -19.39 -6.71
C LEU A 42 21.69 -19.52 -6.73
N ALA A 43 22.36 -18.40 -6.52
CA ALA A 43 23.84 -18.31 -6.57
C ALA A 43 24.69 -18.88 -5.42
N GLY A 44 24.04 -19.43 -4.39
CA GLY A 44 24.76 -19.96 -3.24
C GLY A 44 25.32 -21.38 -3.28
N THR A 45 25.92 -21.74 -2.15
CA THR A 45 26.53 -23.04 -1.93
C THR A 45 25.58 -23.82 -1.02
N PHE A 46 24.86 -24.77 -1.63
CA PHE A 46 23.91 -25.59 -0.92
C PHE A 46 24.42 -26.98 -0.63
N ARG A 47 24.28 -27.38 0.63
CA ARG A 47 24.71 -28.68 1.09
C ARG A 47 23.50 -29.32 1.73
N ALA A 48 23.43 -30.64 1.68
CA ALA A 48 22.34 -31.38 2.29
C ALA A 48 22.43 -31.17 3.79
N PHE A 49 21.31 -30.70 4.35
CA PHE A 49 21.13 -30.42 5.77
C PHE A 49 20.88 -31.80 6.44
N LEU A 50 22.01 -32.47 6.66
CA LEU A 50 22.06 -33.78 7.26
C LEU A 50 23.40 -33.98 7.95
N SER A 51 23.46 -34.97 8.85
CA SER A 51 24.65 -35.37 9.58
C SER A 51 25.09 -36.66 8.88
N SER A 52 26.36 -36.74 8.52
CA SER A 52 26.87 -37.91 7.84
C SER A 52 28.08 -38.51 8.60
N ARG A 53 28.66 -39.57 8.04
CA ARG A 53 29.77 -40.30 8.62
C ARG A 53 30.92 -39.47 9.16
N LEU A 54 31.35 -38.49 8.39
CA LEU A 54 32.48 -37.67 8.79
C LEU A 54 32.14 -36.22 9.18
N GLN A 55 30.86 -35.88 9.35
CA GLN A 55 30.49 -34.51 9.70
C GLN A 55 29.25 -34.38 10.53
N ASP A 56 29.19 -33.27 11.27
CA ASP A 56 28.05 -32.98 12.10
C ASP A 56 27.25 -31.98 11.29
N LEU A 57 25.95 -31.95 11.50
CA LEU A 57 25.08 -31.00 10.83
C LEU A 57 25.56 -29.57 11.17
N TYR A 58 26.03 -29.39 12.40
CA TYR A 58 26.51 -28.10 12.87
C TYR A 58 27.63 -27.52 12.00
N SER A 59 28.59 -28.33 11.62
CA SER A 59 29.74 -27.88 10.82
C SER A 59 29.55 -27.64 9.30
N ILE A 60 28.29 -27.48 8.88
CA ILE A 60 27.95 -27.24 7.46
C ILE A 60 28.14 -25.77 7.15
N VAL A 61 27.68 -24.95 8.09
CA VAL A 61 27.77 -23.49 7.99
C VAL A 61 29.16 -23.09 8.48
N ARG A 62 29.84 -22.24 7.72
CA ARG A 62 31.17 -21.81 8.10
C ARG A 62 31.07 -20.86 9.30
N ARG A 63 31.96 -21.08 10.26
CA ARG A 63 32.05 -20.34 11.52
C ARG A 63 31.63 -18.88 11.52
N ALA A 64 32.17 -18.13 10.56
CA ALA A 64 31.87 -16.70 10.41
C ALA A 64 30.38 -16.37 10.26
N ASP A 65 29.58 -17.35 9.81
CA ASP A 65 28.13 -17.17 9.60
C ASP A 65 27.25 -17.94 10.58
N ARG A 66 27.81 -18.38 11.68
CA ARG A 66 27.06 -19.20 12.65
C ARG A 66 26.43 -18.42 13.82
N ALA A 67 27.02 -17.29 14.16
CA ALA A 67 26.60 -16.54 15.36
C ALA A 67 25.54 -15.44 15.13
N ALA A 68 25.45 -14.90 13.92
CA ALA A 68 24.51 -13.76 13.69
C ALA A 68 23.55 -13.96 12.50
N VAL A 69 24.12 -14.31 11.36
CA VAL A 69 23.39 -14.47 10.07
C VAL A 69 22.05 -15.24 10.19
N PRO A 70 20.90 -14.56 10.00
CA PRO A 70 19.57 -15.19 10.07
C PRO A 70 19.35 -16.26 8.97
N ILE A 71 18.65 -17.34 9.40
CA ILE A 71 18.23 -18.52 8.54
C ILE A 71 16.80 -18.26 8.06
N VAL A 72 16.70 -17.98 6.77
CA VAL A 72 15.42 -17.65 6.12
C VAL A 72 15.08 -18.72 5.08
N ASN A 73 13.83 -18.67 4.62
CA ASN A 73 13.34 -19.61 3.61
C ASN A 73 13.50 -18.99 2.22
N LEU A 74 13.07 -19.74 1.23
CA LEU A 74 13.17 -19.37 -0.19
C LEU A 74 12.44 -18.04 -0.48
N LYS A 75 11.56 -17.66 0.43
CA LYS A 75 10.77 -16.42 0.28
C LYS A 75 11.38 -15.29 1.11
N ASP A 76 12.48 -15.62 1.76
CA ASP A 76 13.27 -14.67 2.57
C ASP A 76 12.67 -14.48 3.98
N GLU A 77 11.63 -15.22 4.28
CA GLU A 77 10.97 -15.15 5.59
C GLU A 77 11.89 -15.80 6.64
N LEU A 78 11.84 -15.24 7.84
CA LEU A 78 12.68 -15.68 8.96
C LEU A 78 12.21 -17.01 9.54
N LEU A 79 13.20 -17.87 9.72
CA LEU A 79 13.03 -19.21 10.28
C LEU A 79 13.68 -19.24 11.67
N PHE A 80 14.98 -19.00 11.66
CA PHE A 80 15.79 -18.98 12.89
C PHE A 80 16.67 -17.74 12.91
N PRO A 81 16.81 -17.12 14.08
CA PRO A 81 17.64 -15.91 14.26
C PRO A 81 19.08 -16.12 13.79
N SER A 82 19.61 -17.32 14.05
CA SER A 82 20.97 -17.70 13.69
C SER A 82 21.07 -19.20 13.76
N TRP A 83 22.18 -19.72 13.27
CA TRP A 83 22.50 -21.15 13.28
C TRP A 83 22.71 -21.69 14.70
N GLU A 84 23.41 -20.91 15.56
CA GLU A 84 23.70 -21.27 16.95
C GLU A 84 22.39 -21.38 17.72
N ALA A 85 21.48 -20.46 17.42
CA ALA A 85 20.15 -20.44 18.02
C ALA A 85 19.42 -21.76 17.70
N LEU A 86 19.50 -22.16 16.44
CA LEU A 86 18.91 -23.38 15.93
C LEU A 86 19.43 -24.59 16.72
N PHE A 87 20.76 -24.71 16.76
CA PHE A 87 21.49 -25.80 17.42
C PHE A 87 21.89 -25.50 18.87
N SER A 88 20.99 -24.88 19.61
CA SER A 88 21.24 -24.55 21.02
C SER A 88 20.65 -25.64 21.93
N GLY A 89 19.81 -26.50 21.35
CA GLY A 89 19.25 -27.67 22.08
C GLY A 89 17.72 -27.61 22.27
N SER A 90 17.09 -26.56 21.75
CA SER A 90 15.64 -26.41 21.86
C SER A 90 14.93 -27.15 20.70
N GLU A 91 15.73 -27.86 19.94
CA GLU A 91 15.24 -28.71 18.81
C GLU A 91 14.51 -27.90 17.72
N GLY A 92 14.91 -26.65 17.57
CA GLY A 92 14.42 -25.73 16.52
C GLY A 92 12.88 -25.60 16.50
N PRO A 93 12.26 -25.00 17.51
CA PRO A 93 10.82 -24.79 17.52
C PRO A 93 10.42 -23.87 16.39
N LEU A 94 9.60 -24.41 15.50
CA LEU A 94 9.05 -23.65 14.37
C LEU A 94 8.05 -22.66 14.92
N LYS A 95 8.30 -21.41 14.66
CA LYS A 95 7.45 -20.36 15.17
C LYS A 95 6.01 -20.42 14.52
N PRO A 96 4.95 -19.70 15.03
CA PRO A 96 3.59 -19.77 14.45
C PRO A 96 3.52 -19.36 12.99
N GLY A 97 3.11 -20.35 12.18
CA GLY A 97 2.84 -20.21 10.71
C GLY A 97 4.08 -19.93 9.85
N ALA A 98 5.26 -20.40 10.30
CA ALA A 98 6.50 -20.25 9.53
C ALA A 98 6.41 -21.38 8.50
N ARG A 99 6.89 -21.17 7.28
CA ARG A 99 6.82 -22.25 6.29
C ARG A 99 8.12 -22.45 5.54
N ILE A 100 8.39 -23.70 5.18
CA ILE A 100 9.61 -24.05 4.44
C ILE A 100 9.14 -24.29 2.99
N PHE A 101 9.94 -23.88 2.01
CA PHE A 101 9.58 -24.05 0.59
C PHE A 101 10.65 -24.84 -0.12
N SER A 102 10.23 -25.66 -1.07
CA SER A 102 11.15 -26.44 -1.88
C SER A 102 11.70 -25.47 -2.95
N PHE A 103 12.78 -25.84 -3.64
CA PHE A 103 13.38 -24.99 -4.65
C PHE A 103 12.39 -24.51 -5.74
N ASP A 104 11.46 -25.38 -6.13
CA ASP A 104 10.46 -25.05 -7.15
C ASP A 104 9.25 -24.32 -6.58
N GLY A 105 9.38 -23.90 -5.32
CA GLY A 105 8.35 -23.12 -4.67
C GLY A 105 7.16 -23.76 -4.00
N LYS A 106 7.17 -25.06 -3.74
CA LYS A 106 6.04 -25.71 -3.07
C LYS A 106 6.17 -25.58 -1.56
N ASP A 107 5.04 -25.34 -0.88
CA ASP A 107 5.05 -25.27 0.57
C ASP A 107 4.98 -26.73 1.00
N VAL A 108 6.15 -27.22 1.37
CA VAL A 108 6.44 -28.58 1.81
C VAL A 108 5.46 -29.23 2.84
N LEU A 109 5.05 -28.43 3.82
CA LEU A 109 4.16 -28.86 4.89
C LEU A 109 2.69 -28.95 4.50
N ARG A 110 2.34 -28.41 3.33
CA ARG A 110 0.96 -28.43 2.87
C ARG A 110 0.72 -28.75 1.39
N HIS A 111 1.62 -29.54 0.83
CA HIS A 111 1.55 -29.95 -0.55
C HIS A 111 1.76 -31.47 -0.61
N PRO A 112 0.82 -32.22 -1.22
CA PRO A 112 0.78 -33.68 -1.40
C PRO A 112 2.02 -34.40 -1.95
N THR A 113 3.02 -33.66 -2.41
CA THR A 113 4.26 -34.25 -2.92
C THR A 113 5.04 -34.90 -1.78
N TRP A 114 4.76 -34.42 -0.57
CA TRP A 114 5.34 -34.88 0.68
C TRP A 114 4.18 -35.45 1.50
N PRO A 115 3.89 -36.77 1.34
CA PRO A 115 2.80 -37.40 2.11
C PRO A 115 3.17 -37.38 3.60
N GLN A 116 4.41 -37.75 3.89
CA GLN A 116 4.96 -37.79 5.24
C GLN A 116 5.74 -36.50 5.53
N LYS A 117 5.24 -35.75 6.50
CA LYS A 117 5.79 -34.45 6.93
C LYS A 117 6.88 -34.50 8.00
N SER A 118 7.95 -35.24 7.71
CA SER A 118 9.10 -35.36 8.59
C SER A 118 10.33 -34.91 7.80
N VAL A 119 11.40 -34.59 8.51
CA VAL A 119 12.65 -34.14 7.93
C VAL A 119 13.78 -35.11 8.37
N TRP A 120 14.62 -35.53 7.43
CA TRP A 120 15.77 -36.40 7.72
C TRP A 120 16.90 -35.46 8.19
N HIS A 121 17.49 -35.73 9.35
CA HIS A 121 18.60 -34.91 9.87
C HIS A 121 19.83 -35.70 10.43
N GLY A 122 19.57 -36.94 10.87
CA GLY A 122 20.59 -37.83 11.43
C GLY A 122 21.46 -37.24 12.52
N SER A 123 20.91 -36.27 13.25
CA SER A 123 21.63 -35.53 14.28
C SER A 123 20.89 -35.46 15.63
N ASP A 124 21.62 -35.09 16.69
CA ASP A 124 21.01 -34.89 18.02
C ASP A 124 20.55 -33.42 18.05
N PRO A 125 19.87 -32.94 19.13
CA PRO A 125 19.42 -31.54 19.12
C PRO A 125 20.45 -30.40 19.00
N ASN A 126 21.73 -30.74 19.14
CA ASN A 126 22.83 -29.80 19.05
C ASN A 126 23.59 -29.96 17.76
N GLY A 127 22.95 -30.60 16.79
CA GLY A 127 23.55 -30.79 15.49
C GLY A 127 24.75 -31.68 15.38
N ARG A 128 24.81 -32.71 16.21
CA ARG A 128 25.91 -33.66 16.20
C ARG A 128 25.44 -34.96 15.55
N ARG A 129 26.34 -35.58 14.79
CA ARG A 129 26.03 -36.83 14.08
C ARG A 129 25.76 -37.98 15.07
N LEU A 130 24.81 -38.81 14.66
CA LEU A 130 24.39 -40.04 15.39
C LEU A 130 24.61 -41.25 14.47
N THR A 131 25.74 -41.91 14.65
CA THR A 131 26.15 -43.04 13.77
C THR A 131 25.22 -44.26 13.89
N GLU A 132 24.41 -44.28 14.92
CA GLU A 132 23.47 -45.39 15.13
C GLU A 132 22.12 -45.07 14.50
N SER A 133 22.01 -43.88 13.95
CA SER A 133 20.73 -43.49 13.39
C SER A 133 20.85 -42.42 12.31
N TYR A 134 21.52 -42.77 11.25
CA TYR A 134 21.60 -41.87 10.08
C TYR A 134 21.69 -42.70 8.80
N CYS A 135 20.86 -43.74 8.81
CA CYS A 135 20.69 -44.70 7.72
C CYS A 135 22.02 -45.09 7.07
N GLU A 136 22.94 -45.52 7.92
CA GLU A 136 24.27 -45.93 7.47
C GLU A 136 24.83 -44.92 6.48
N THR A 137 24.84 -43.69 6.94
CA THR A 137 25.32 -42.52 6.18
C THR A 137 24.58 -42.41 4.84
N TRP A 138 23.26 -42.53 4.97
CA TRP A 138 22.30 -42.38 3.85
C TRP A 138 22.71 -43.21 2.65
N ARG A 139 22.86 -44.49 2.89
CA ARG A 139 23.24 -45.46 1.86
C ARG A 139 22.18 -46.56 1.74
N THR A 140 21.40 -46.70 2.79
CA THR A 140 20.35 -47.74 2.86
C THR A 140 18.98 -47.17 3.21
N GLU A 141 17.98 -47.89 2.72
CA GLU A 141 16.57 -47.59 2.93
C GLU A 141 15.85 -48.86 3.41
N ALA A 142 16.62 -49.69 4.09
CA ALA A 142 16.14 -50.95 4.67
C ALA A 142 15.24 -50.65 5.87
N PRO A 143 14.03 -51.21 5.95
CA PRO A 143 13.12 -50.90 7.04
C PRO A 143 13.72 -51.19 8.41
N SER A 144 14.76 -52.01 8.44
CA SER A 144 15.42 -52.39 9.72
C SER A 144 16.38 -51.28 10.19
N ALA A 145 16.91 -50.55 9.23
CA ALA A 145 17.81 -49.43 9.52
C ALA A 145 16.96 -48.23 9.95
N THR A 146 17.58 -47.29 10.62
CA THR A 146 16.85 -46.09 11.06
C THR A 146 17.74 -44.86 10.89
N GLY A 147 17.06 -43.75 10.74
CA GLY A 147 17.68 -42.44 10.59
C GLY A 147 16.96 -41.47 11.49
N GLN A 148 17.66 -40.46 12.01
CA GLN A 148 17.03 -39.45 12.88
C GLN A 148 16.22 -38.50 12.03
N ALA A 149 14.96 -38.34 12.41
CA ALA A 149 14.04 -37.48 11.70
C ALA A 149 13.22 -36.63 12.67
N SER A 150 12.63 -35.55 12.15
CA SER A 150 11.80 -34.61 12.92
C SER A 150 10.43 -34.51 12.27
N SER A 151 9.39 -34.36 13.07
CA SER A 151 8.03 -34.26 12.55
C SER A 151 7.67 -32.78 12.51
N LEU A 152 7.61 -32.22 11.31
CA LEU A 152 7.26 -30.82 11.13
C LEU A 152 5.93 -30.48 11.78
N LEU A 153 5.05 -31.48 11.93
CA LEU A 153 3.74 -31.27 12.56
C LEU A 153 3.83 -31.25 14.09
N GLY A 154 5.01 -31.61 14.61
CA GLY A 154 5.24 -31.58 16.05
C GLY A 154 5.83 -30.23 16.43
N GLY A 155 5.99 -29.37 15.43
CA GLY A 155 6.52 -28.03 15.62
C GLY A 155 8.02 -27.89 15.77
N ARG A 156 8.80 -28.91 15.42
CA ARG A 156 10.25 -28.86 15.58
C ARG A 156 11.05 -29.22 14.32
N LEU A 157 12.28 -28.70 14.24
CA LEU A 157 13.15 -28.96 13.10
C LEU A 157 14.25 -29.94 13.45
N LEU A 158 14.38 -30.22 14.74
CA LEU A 158 15.39 -31.16 15.20
C LEU A 158 14.82 -32.06 16.30
N GLY A 159 13.60 -32.53 16.08
CA GLY A 159 12.95 -33.44 17.00
C GLY A 159 13.76 -34.71 16.86
N GLN A 160 13.65 -35.60 17.83
CA GLN A 160 14.45 -36.83 17.82
C GLN A 160 13.56 -38.04 17.61
N SER A 161 13.71 -38.74 16.49
CA SER A 161 12.93 -39.93 16.19
C SER A 161 13.76 -40.86 15.32
N ALA A 162 14.02 -42.08 15.81
CA ALA A 162 14.76 -43.06 15.02
C ALA A 162 13.64 -43.60 14.12
N ALA A 163 13.65 -43.23 12.83
CA ALA A 163 12.65 -43.64 11.85
C ALA A 163 13.18 -44.61 10.78
N SER A 164 12.38 -45.62 10.43
CA SER A 164 12.74 -46.64 9.43
C SER A 164 13.26 -45.97 8.16
N CYS A 165 14.35 -46.48 7.61
CA CYS A 165 14.89 -45.87 6.39
C CYS A 165 14.09 -46.05 5.13
N HIS A 166 13.04 -46.87 5.11
CA HIS A 166 12.29 -47.02 3.86
C HIS A 166 11.41 -45.80 3.57
N HIS A 167 11.32 -44.93 4.58
CA HIS A 167 10.53 -43.71 4.56
C HIS A 167 11.07 -42.61 3.67
N ALA A 168 10.16 -42.05 2.88
CA ALA A 168 10.45 -40.95 1.96
C ALA A 168 10.06 -39.74 2.78
N TYR A 169 11.06 -39.00 3.26
CA TYR A 169 10.86 -37.81 4.07
C TYR A 169 11.47 -36.62 3.39
N ILE A 170 11.30 -35.46 3.98
CA ILE A 170 11.83 -34.22 3.44
C ILE A 170 13.34 -34.12 3.74
N VAL A 171 14.09 -33.56 2.79
CA VAL A 171 15.53 -33.36 2.96
C VAL A 171 15.74 -31.86 2.72
N LEU A 172 16.42 -31.19 3.65
CA LEU A 172 16.66 -29.74 3.52
C LEU A 172 18.07 -29.40 3.01
N CYS A 173 18.23 -28.18 2.56
CA CYS A 173 19.50 -27.68 2.02
C CYS A 173 19.78 -26.35 2.63
N ILE A 174 20.91 -26.28 3.32
CA ILE A 174 21.33 -25.06 3.96
C ILE A 174 22.50 -24.51 3.14
N GLU A 175 22.42 -23.20 2.89
CA GLU A 175 23.43 -22.46 2.17
C GLU A 175 24.56 -22.44 3.20
N ASN A 176 25.72 -22.94 2.81
CA ASN A 176 26.87 -23.05 3.71
C ASN A 176 27.60 -21.75 4.16
N SER A 177 27.29 -20.65 3.49
CA SER A 177 27.89 -19.36 3.81
C SER A 177 27.14 -18.36 2.97
N PHE A 178 26.95 -17.15 3.52
CA PHE A 178 26.31 -16.07 2.77
C PHE A 178 27.42 -15.49 1.87
N HIS B 1 11.15 1.42 -0.41
CA HIS B 1 11.31 0.99 0.99
C HIS B 1 10.23 0.07 1.45
N SER B 2 10.85 -0.97 1.87
CA SER B 2 10.31 -2.16 2.46
C SER B 2 11.51 -2.82 3.09
N HIS B 3 11.45 -2.96 4.36
CA HIS B 3 12.51 -3.58 5.13
C HIS B 3 11.91 -4.66 5.99
N ARG B 4 12.77 -5.52 6.47
CA ARG B 4 12.33 -6.65 7.28
C ARG B 4 12.58 -6.41 8.76
N ASP B 5 11.78 -7.10 9.56
CA ASP B 5 11.81 -6.97 11.02
C ASP B 5 13.19 -7.37 11.57
N PHE B 6 13.70 -8.48 11.10
CA PHE B 6 15.01 -8.97 11.58
C PHE B 6 16.16 -8.30 10.80
N GLN B 7 15.80 -7.30 10.00
CA GLN B 7 16.79 -6.55 9.21
C GLN B 7 16.73 -5.07 9.57
N PRO B 8 17.10 -4.66 10.77
CA PRO B 8 17.03 -3.24 11.14
C PRO B 8 17.96 -2.36 10.35
N VAL B 9 17.57 -1.10 10.24
CA VAL B 9 18.35 -0.08 9.52
C VAL B 9 17.88 1.30 9.99
N LEU B 10 18.79 2.25 10.00
CA LEU B 10 18.48 3.66 10.36
C LEU B 10 18.99 4.54 9.22
N HIS B 11 18.16 5.44 8.74
CA HIS B 11 18.56 6.30 7.62
C HIS B 11 19.07 7.67 8.11
N LEU B 12 20.19 8.07 7.49
CA LEU B 12 20.69 9.46 7.72
C LEU B 12 20.24 10.13 6.41
N VAL B 13 19.27 11.04 6.50
CA VAL B 13 18.75 11.71 5.33
C VAL B 13 18.88 13.20 5.56
N ALA B 14 19.17 13.97 4.52
CA ALA B 14 19.35 15.41 4.64
C ALA B 14 18.08 16.22 4.45
N LEU B 15 18.00 17.40 5.08
CA LEU B 15 16.86 18.27 4.92
C LEU B 15 17.03 18.80 3.50
N ASN B 16 15.92 19.25 2.91
CA ASN B 16 15.90 19.71 1.53
C ASN B 16 16.59 21.01 1.11
N ALA B 17 16.89 21.89 2.07
CA ALA B 17 17.56 23.17 1.82
C ALA B 17 18.63 23.40 2.91
N PRO B 18 19.70 24.17 2.59
CA PRO B 18 20.73 24.43 3.61
C PRO B 18 20.11 25.32 4.66
N LEU B 19 20.59 25.23 5.89
CA LEU B 19 20.03 26.07 6.98
C LEU B 19 21.18 26.73 7.77
N SER B 20 20.90 27.94 8.22
CA SER B 20 21.85 28.72 9.04
C SER B 20 21.65 28.32 10.51
N GLY B 21 22.44 28.95 11.37
CA GLY B 21 22.42 28.68 12.82
C GLY B 21 21.03 28.94 13.44
N GLY B 22 20.35 29.94 12.90
CA GLY B 22 19.01 30.36 13.38
C GLY B 22 17.94 29.35 12.94
N MET B 23 18.01 28.18 13.57
CA MET B 23 17.12 27.05 13.27
C MET B 23 15.83 27.07 14.10
N ARG B 24 15.58 28.17 14.77
CA ARG B 24 14.37 28.32 15.60
C ARG B 24 14.48 27.45 16.88
N GLY B 25 15.59 26.72 16.98
CA GLY B 25 15.89 25.78 18.10
C GLY B 25 15.91 24.34 17.57
N ILE B 26 16.14 23.36 18.43
CA ILE B 26 16.13 21.94 17.98
C ILE B 26 14.67 21.53 17.76
N ARG B 27 13.76 22.13 18.50
CA ARG B 27 12.34 21.87 18.36
C ARG B 27 11.96 22.28 16.93
N GLY B 28 12.53 23.37 16.44
CA GLY B 28 12.24 23.85 15.11
C GLY B 28 12.92 23.01 14.02
N ALA B 29 14.13 22.57 14.30
CA ALA B 29 14.89 21.76 13.35
C ALA B 29 14.27 20.35 13.25
N ASP B 30 13.86 19.85 14.39
CA ASP B 30 13.25 18.52 14.51
C ASP B 30 11.98 18.43 13.66
N PHE B 31 11.21 19.50 13.72
CA PHE B 31 9.92 19.57 13.00
C PHE B 31 10.09 19.52 11.47
N GLN B 32 11.21 20.03 10.97
CA GLN B 32 11.47 20.07 9.52
C GLN B 32 11.81 18.69 8.96
N CYS B 33 12.49 17.90 9.78
CA CYS B 33 12.87 16.53 9.41
C CYS B 33 11.61 15.67 9.32
N PHE B 34 10.69 16.03 10.20
CA PHE B 34 9.39 15.37 10.36
C PHE B 34 8.53 15.61 9.11
N GLN B 35 8.36 16.88 8.80
CA GLN B 35 7.57 17.30 7.64
C GLN B 35 8.07 16.62 6.35
N GLN B 36 9.31 16.92 6.06
CA GLN B 36 10.01 16.46 4.85
C GLN B 36 9.99 14.94 4.70
N ALA B 37 10.13 14.24 5.83
CA ALA B 37 10.14 12.77 5.83
C ALA B 37 8.80 12.21 5.40
N ARG B 38 7.73 12.69 6.00
CA ARG B 38 6.44 12.18 5.63
C ARG B 38 5.86 12.77 4.34
N ALA B 39 6.57 13.72 3.73
CA ALA B 39 6.14 14.32 2.48
C ALA B 39 6.49 13.36 1.34
N VAL B 40 7.45 12.47 1.64
CA VAL B 40 7.97 11.47 0.72
C VAL B 40 7.59 10.05 1.17
N GLY B 41 6.63 9.96 2.09
CA GLY B 41 6.17 8.66 2.57
C GLY B 41 6.94 7.85 3.61
N LEU B 42 8.06 8.35 4.13
CA LEU B 42 8.87 7.63 5.13
C LEU B 42 8.21 7.51 6.50
N ALA B 43 7.94 6.26 6.90
CA ALA B 43 7.25 5.94 8.16
C ALA B 43 7.98 6.09 9.51
N GLY B 44 9.25 6.49 9.48
CA GLY B 44 10.04 6.61 10.70
C GLY B 44 9.94 7.88 11.53
N THR B 45 10.73 7.87 12.61
CA THR B 45 10.85 8.96 13.55
C THR B 45 12.17 9.66 13.27
N PHE B 46 12.07 10.82 12.63
CA PHE B 46 13.24 11.61 12.27
C PHE B 46 13.46 12.80 13.18
N ARG B 47 14.70 12.92 13.65
CA ARG B 47 15.10 13.98 14.54
C ARG B 47 16.27 14.64 13.89
N ALA B 48 16.44 15.94 14.13
CA ALA B 48 17.56 16.69 13.59
C ALA B 48 18.84 16.13 14.22
N PHE B 49 19.75 15.74 13.32
CA PHE B 49 21.06 15.18 13.65
C PHE B 49 21.94 16.38 14.04
N LEU B 50 21.76 16.79 15.30
CA LEU B 50 22.44 17.91 15.90
C LEU B 50 22.48 17.71 17.42
N SER B 51 23.40 18.45 18.06
CA SER B 51 23.59 18.47 19.51
C SER B 51 22.95 19.78 19.95
N SER B 52 22.09 19.73 20.95
CA SER B 52 21.42 20.93 21.43
C SER B 52 21.65 21.12 22.93
N ARG B 53 21.04 22.17 23.48
CA ARG B 53 21.17 22.55 24.89
C ARG B 53 21.04 21.44 25.91
N LEU B 54 20.02 20.60 25.74
CA LEU B 54 19.78 19.53 26.70
C LEU B 54 20.08 18.12 26.19
N GLN B 55 20.74 17.96 25.04
CA GLN B 55 21.02 16.63 24.52
C GLN B 55 22.30 16.52 23.71
N ASP B 56 22.82 15.30 23.67
CA ASP B 56 24.02 15.02 22.91
C ASP B 56 23.51 14.39 21.64
N LEU B 57 24.26 14.53 20.57
CA LEU B 57 23.91 13.91 19.30
C LEU B 57 23.81 12.38 19.50
N TYR B 58 24.67 11.84 20.36
CA TYR B 58 24.71 10.42 20.65
C TYR B 58 23.37 9.88 21.14
N SER B 59 22.72 10.58 22.04
CA SER B 59 21.45 10.15 22.64
C SER B 59 20.15 10.28 21.80
N ILE B 60 20.29 10.45 20.49
CA ILE B 60 19.15 10.60 19.57
C ILE B 60 18.59 9.22 19.23
N VAL B 61 19.52 8.30 19.00
CA VAL B 61 19.20 6.91 18.69
C VAL B 61 18.97 6.19 20.01
N ARG B 62 17.88 5.43 20.09
CA ARG B 62 17.58 4.70 21.30
C ARG B 62 18.56 3.54 21.46
N ARG B 63 19.05 3.37 22.67
CA ARG B 63 20.04 2.37 23.08
C ARG B 63 20.02 1.04 22.34
N ALA B 64 18.83 0.44 22.25
CA ALA B 64 18.63 -0.83 21.57
C ALA B 64 19.10 -0.87 20.11
N ASP B 65 19.18 0.30 19.47
CA ASP B 65 19.59 0.42 18.06
C ASP B 65 20.97 1.09 17.86
N ARG B 66 21.76 1.15 18.90
CA ARG B 66 23.06 1.85 18.83
C ARG B 66 24.26 0.94 18.54
N ALA B 67 24.17 -0.32 18.92
CA ALA B 67 25.31 -1.25 18.83
C ALA B 67 25.42 -2.08 17.53
N ALA B 68 24.31 -2.30 16.83
CA ALA B 68 24.36 -3.17 15.63
C ALA B 68 23.74 -2.55 14.35
N VAL B 69 22.54 -2.05 14.50
CA VAL B 69 21.72 -1.49 13.38
C VAL B 69 22.51 -0.54 12.45
N PRO B 70 22.76 -0.96 11.18
CA PRO B 70 23.48 -0.15 10.18
C PRO B 70 22.76 1.16 9.82
N ILE B 71 23.59 2.23 9.65
CA ILE B 71 23.16 3.61 9.22
C ILE B 71 23.32 3.72 7.70
N VAL B 72 22.18 3.76 7.04
CA VAL B 72 22.12 3.81 5.57
C VAL B 72 21.48 5.13 5.12
N ASN B 73 21.62 5.40 3.82
CA ASN B 73 21.06 6.62 3.23
C ASN B 73 19.67 6.30 2.66
N LEU B 74 19.09 7.33 2.08
CA LEU B 74 17.72 7.28 1.50
C LEU B 74 17.60 6.20 0.42
N LYS B 75 18.74 5.78 -0.10
CA LYS B 75 18.79 4.76 -1.16
C LYS B 75 19.10 3.37 -0.57
N ASP B 76 19.24 3.36 0.74
CA ASP B 76 19.50 2.12 1.52
C ASP B 76 20.98 1.71 1.50
N GLU B 77 21.80 2.56 0.90
CA GLU B 77 23.25 2.29 0.81
C GLU B 77 23.88 2.51 2.19
N LEU B 78 24.87 1.71 2.48
CA LEU B 78 25.58 1.72 3.78
C LEU B 78 26.47 2.96 3.92
N LEU B 79 26.31 3.57 5.09
CA LEU B 79 27.07 4.75 5.49
C LEU B 79 28.02 4.36 6.62
N PHE B 80 27.42 3.91 7.71
CA PHE B 80 28.16 3.48 8.90
C PHE B 80 27.62 2.13 9.37
N PRO B 81 28.52 1.24 9.82
CA PRO B 81 28.15 -0.09 10.31
C PRO B 81 27.14 -0.02 11.46
N SER B 82 27.31 0.96 12.33
CA SER B 82 26.44 1.19 13.48
C SER B 82 26.66 2.60 13.97
N TRP B 83 25.81 3.02 14.90
CA TRP B 83 25.88 4.34 15.53
C TRP B 83 27.12 4.50 16.42
N GLU B 84 27.47 3.44 17.17
CA GLU B 84 28.64 3.41 18.08
C GLU B 84 29.90 3.56 17.25
N ALA B 85 29.90 2.90 16.09
CA ALA B 85 31.02 2.96 15.16
C ALA B 85 31.23 4.43 14.70
N LEU B 86 30.12 5.08 14.38
CA LEU B 86 30.10 6.47 13.96
C LEU B 86 30.75 7.37 15.04
N PHE B 87 30.22 7.25 16.26
CA PHE B 87 30.64 8.01 17.43
C PHE B 87 31.70 7.33 18.28
N SER B 88 32.66 6.71 17.63
CA SER B 88 33.76 6.03 18.33
C SER B 88 34.99 6.98 18.44
N GLY B 89 34.96 8.07 17.67
CA GLY B 89 36.01 9.11 17.76
C GLY B 89 36.84 9.27 16.47
N SER B 90 36.51 8.50 15.45
CA SER B 90 37.23 8.57 14.17
C SER B 90 36.60 9.65 13.27
N GLU B 91 35.67 10.39 13.85
CA GLU B 91 34.99 11.53 13.19
C GLU B 91 34.22 11.13 11.90
N GLY B 92 33.75 9.91 11.90
CA GLY B 92 32.91 9.34 10.81
C GLY B 92 33.54 9.47 9.41
N PRO B 93 34.64 8.78 9.11
CA PRO B 93 35.24 8.82 7.79
C PRO B 93 34.29 8.26 6.76
N LEU B 94 33.92 9.13 5.82
CA LEU B 94 33.05 8.75 4.69
C LEU B 94 33.84 7.83 3.79
N LYS B 95 33.33 6.65 3.59
CA LYS B 95 34.01 5.68 2.77
C LYS B 95 34.07 6.12 1.27
N PRO B 96 34.88 5.49 0.35
CA PRO B 96 34.98 5.92 -1.06
C PRO B 96 33.65 5.87 -1.81
N GLY B 97 33.25 7.07 -2.25
CA GLY B 97 32.05 7.33 -3.10
C GLY B 97 30.70 7.04 -2.41
N ALA B 98 30.63 7.19 -1.08
CA ALA B 98 29.39 7.02 -0.32
C ALA B 98 28.67 8.36 -0.53
N ARG B 99 27.35 8.35 -0.63
CA ARG B 99 26.65 9.62 -0.83
C ARG B 99 25.44 9.77 0.07
N ILE B 100 25.18 11.00 0.49
CA ILE B 100 24.03 11.30 1.36
C ILE B 100 22.98 11.95 0.44
N PHE B 101 21.69 11.64 0.65
CA PHE B 101 20.62 12.19 -0.18
C PHE B 101 19.63 12.93 0.67
N SER B 102 19.09 14.01 0.13
CA SER B 102 18.06 14.79 0.82
C SER B 102 16.74 14.01 0.65
N PHE B 103 15.71 14.34 1.41
CA PHE B 103 14.43 13.66 1.32
C PHE B 103 13.83 13.62 -0.09
N ASP B 104 14.00 14.70 -0.85
CA ASP B 104 13.49 14.78 -2.22
C ASP B 104 14.43 14.15 -3.24
N GLY B 105 15.42 13.44 -2.74
CA GLY B 105 16.36 12.72 -3.58
C GLY B 105 17.55 13.37 -4.22
N LYS B 106 17.96 14.56 -3.78
CA LYS B 106 19.13 15.21 -4.35
C LYS B 106 20.41 14.73 -3.68
N ASP B 107 21.47 14.53 -4.45
CA ASP B 107 22.74 14.13 -3.89
C ASP B 107 23.35 15.44 -3.43
N VAL B 108 23.24 15.62 -2.12
CA VAL B 108 23.69 16.79 -1.35
C VAL B 108 25.12 17.34 -1.65
N LEU B 109 26.06 16.42 -1.84
CA LEU B 109 27.47 16.74 -2.08
C LEU B 109 27.77 17.15 -3.51
N ARG B 110 26.80 16.96 -4.42
CA ARG B 110 27.00 17.32 -5.82
C ARG B 110 25.84 18.01 -6.53
N HIS B 111 25.05 18.74 -5.76
CA HIS B 111 23.91 19.46 -6.28
C HIS B 111 23.97 20.89 -5.73
N PRO B 112 23.95 21.91 -6.61
CA PRO B 112 23.99 23.36 -6.35
C PRO B 112 23.07 23.97 -5.30
N THR B 113 22.12 23.20 -4.79
CA THR B 113 21.19 23.66 -3.73
C THR B 113 21.98 23.90 -2.43
N TRP B 114 23.10 23.21 -2.32
CA TRP B 114 24.03 23.26 -1.21
C TRP B 114 25.34 23.83 -1.76
N PRO B 115 25.50 25.17 -1.76
CA PRO B 115 26.75 25.78 -2.26
C PRO B 115 27.91 25.36 -1.35
N GLN B 116 27.67 25.45 -0.04
CA GLN B 116 28.64 25.08 0.99
C GLN B 116 28.38 23.64 1.46
N LYS B 117 29.38 22.78 1.23
CA LYS B 117 29.33 21.35 1.55
C LYS B 117 29.81 20.97 2.96
N SER B 118 29.19 21.57 3.97
CA SER B 118 29.50 21.29 5.37
C SER B 118 28.18 20.83 6.03
N VAL B 119 28.30 20.18 7.18
CA VAL B 119 27.19 19.67 7.95
C VAL B 119 27.21 20.31 9.35
N TRP B 120 26.07 20.79 9.84
CA TRP B 120 25.94 21.36 11.18
C TRP B 120 25.75 20.17 12.13
N HIS B 121 26.55 20.05 13.18
CA HIS B 121 26.41 18.96 14.17
C HIS B 121 26.49 19.40 15.67
N GLY B 122 27.17 20.53 15.93
CA GLY B 122 27.34 21.08 17.27
C GLY B 122 27.85 20.11 18.32
N SER B 123 28.60 19.11 17.88
CA SER B 123 29.11 18.04 18.75
C SER B 123 30.61 17.79 18.60
N ASP B 124 31.19 17.08 19.57
CA ASP B 124 32.62 16.67 19.52
C ASP B 124 32.64 15.33 18.75
N PRO B 125 33.84 14.75 18.47
CA PRO B 125 33.83 13.49 17.71
C PRO B 125 33.12 12.24 18.29
N ASN B 126 32.73 12.33 19.55
CA ASN B 126 32.05 11.25 20.26
C ASN B 126 30.58 11.57 20.46
N GLY B 127 30.09 12.52 19.67
CA GLY B 127 28.69 12.90 19.73
C GLY B 127 28.20 13.58 20.98
N ARG B 128 29.05 14.37 21.61
CA ARG B 128 28.69 15.09 22.82
C ARG B 128 28.50 16.57 22.47
N ARG B 129 27.52 17.18 23.11
CA ARG B 129 27.18 18.60 22.86
C ARG B 129 28.33 19.52 23.32
N LEU B 130 28.50 20.58 22.52
CA LEU B 130 29.50 21.64 22.74
C LEU B 130 28.75 22.98 22.87
N THR B 131 28.51 23.39 24.11
CA THR B 131 27.71 24.60 24.40
C THR B 131 28.39 25.91 23.93
N GLU B 132 29.66 25.82 23.62
CA GLU B 132 30.41 27.00 23.15
C GLU B 132 30.39 27.06 21.63
N SER B 133 29.79 26.06 21.03
CA SER B 133 29.79 26.02 19.57
C SER B 133 28.63 25.23 18.98
N TYR B 134 27.43 25.70 19.25
CA TYR B 134 26.25 25.08 18.64
C TYR B 134 25.18 26.17 18.41
N CYS B 135 25.70 27.30 17.94
CA CYS B 135 24.93 28.51 17.60
C CYS B 135 23.83 28.80 18.62
N GLU B 136 24.23 28.86 19.86
CA GLU B 136 23.32 29.13 20.97
C GLU B 136 22.04 28.30 20.82
N THR B 137 22.29 27.01 20.70
CA THR B 137 21.24 25.99 20.54
C THR B 137 20.36 26.31 19.33
N TRP B 138 21.06 26.61 18.25
CA TRP B 138 20.47 26.89 16.92
C TRP B 138 19.33 27.89 17.01
N ARG B 139 19.66 29.04 17.55
CA ARG B 139 18.71 30.14 17.73
C ARG B 139 19.22 31.40 17.01
N THR B 140 20.52 31.42 16.78
CA THR B 140 21.17 32.59 16.14
C THR B 140 22.00 32.18 14.92
N GLU B 141 22.10 33.16 14.02
CA GLU B 141 22.87 33.06 12.77
C GLU B 141 23.78 34.29 12.65
N ALA B 142 24.17 34.79 13.81
CA ALA B 142 25.06 35.96 13.93
C ALA B 142 26.47 35.54 13.53
N PRO B 143 27.15 36.25 12.64
CA PRO B 143 28.47 35.86 12.18
C PRO B 143 29.47 35.72 13.32
N SER B 144 29.16 36.34 14.46
CA SER B 144 30.05 36.30 15.64
C SER B 144 29.91 34.97 16.40
N ALA B 145 28.72 34.40 16.32
CA ALA B 145 28.43 33.10 16.94
C ALA B 145 29.02 32.00 16.06
N THR B 146 29.21 30.84 16.63
CA THR B 146 29.76 29.71 15.87
C THR B 146 29.06 28.42 16.28
N GLY B 147 29.07 27.50 15.35
CA GLY B 147 28.49 26.17 15.51
C GLY B 147 29.47 25.16 14.99
N GLN B 148 29.50 23.95 15.55
CA GLN B 148 30.40 22.89 15.09
C GLN B 148 29.88 22.32 13.80
N ALA B 149 30.73 22.29 12.79
CA ALA B 149 30.38 21.78 11.49
C ALA B 149 31.49 20.87 10.94
N SER B 150 31.14 20.06 9.94
CA SER B 150 32.05 19.12 9.28
C SER B 150 32.07 19.41 7.79
N SER B 151 33.21 19.25 7.15
CA SER B 151 33.32 19.49 5.71
C SER B 151 33.25 18.15 5.00
N LEU B 152 32.13 17.90 4.35
CA LEU B 152 31.93 16.66 3.62
C LEU B 152 33.04 16.41 2.61
N LEU B 153 33.69 17.47 2.14
CA LEU B 153 34.81 17.35 1.18
C LEU B 153 36.13 16.96 1.86
N GLY B 154 36.12 17.00 3.20
CA GLY B 154 37.29 16.59 3.96
C GLY B 154 37.19 15.12 4.29
N GLY B 155 36.10 14.50 3.84
CA GLY B 155 35.87 13.08 4.05
C GLY B 155 35.33 12.65 5.39
N ARG B 156 34.82 13.58 6.20
CA ARG B 156 34.32 13.26 7.53
C ARG B 156 32.90 13.76 7.83
N LEU B 157 32.22 13.07 8.76
CA LEU B 157 30.85 13.44 9.14
C LEU B 157 30.82 14.11 10.50
N LEU B 158 31.95 14.07 11.19
CA LEU B 158 32.05 14.69 12.49
C LEU B 158 33.39 15.39 12.66
N GLY B 159 33.80 16.10 11.61
CA GLY B 159 35.03 16.86 11.62
C GLY B 159 34.72 17.99 12.59
N GLN B 160 35.75 18.63 13.11
CA GLN B 160 35.56 19.68 14.10
C GLN B 160 35.93 21.04 13.55
N SER B 161 34.97 21.94 13.41
CA SER B 161 35.20 23.28 12.88
C SER B 161 34.19 24.24 13.52
N ALA B 162 34.68 25.25 14.25
CA ALA B 162 33.79 26.25 14.83
C ALA B 162 33.55 27.16 13.62
N ALA B 163 32.35 27.09 13.03
CA ALA B 163 31.97 27.88 11.85
C ALA B 163 30.92 28.97 12.15
N SER B 164 31.10 30.15 11.55
CA SER B 164 30.18 31.30 11.72
C SER B 164 28.74 30.86 11.51
N CYS B 165 27.84 31.29 12.39
CA CYS B 165 26.44 30.90 12.24
C CYS B 165 25.68 31.49 11.08
N HIS B 166 26.25 32.46 10.35
CA HIS B 166 25.48 33.01 9.23
C HIS B 166 25.44 32.06 8.03
N HIS B 167 26.25 31.01 8.14
CA HIS B 167 26.41 29.97 7.12
C HIS B 167 25.23 29.04 6.97
N ALA B 168 24.85 28.82 5.72
CA ALA B 168 23.76 27.94 5.34
C ALA B 168 24.50 26.65 5.01
N TYR B 169 24.39 25.67 5.90
CA TYR B 169 25.04 24.37 5.75
C TYR B 169 23.99 23.29 5.73
N ILE B 170 24.44 22.07 5.52
CA ILE B 170 23.56 20.91 5.46
C ILE B 170 23.15 20.50 6.90
N VAL B 171 21.91 20.06 7.05
CA VAL B 171 21.39 19.59 8.33
C VAL B 171 20.89 18.16 8.04
N LEU B 172 21.32 17.19 8.84
CA LEU B 172 20.90 15.80 8.65
C LEU B 172 19.80 15.34 9.62
N CYS B 173 19.15 14.24 9.27
CA CYS B 173 18.06 13.69 10.05
C CYS B 173 18.30 12.22 10.21
N ILE B 174 18.41 11.81 11.46
CA ILE B 174 18.63 10.42 11.79
C ILE B 174 17.32 9.88 12.35
N GLU B 175 16.95 8.69 11.86
CA GLU B 175 15.76 7.99 12.29
C GLU B 175 16.19 7.54 13.68
N ASN B 176 15.39 7.91 14.68
CA ASN B 176 15.71 7.62 16.09
C ASN B 176 15.62 6.15 16.58
N SER B 177 15.01 5.30 15.77
CA SER B 177 14.86 3.90 16.11
C SER B 177 14.31 3.25 14.87
N PHE B 178 14.71 2.00 14.62
CA PHE B 178 14.17 1.23 13.48
C PHE B 178 12.81 0.71 13.95
N HIS C 1 -9.21 9.67 2.11
CA HIS C 1 -9.36 9.14 0.75
C HIS C 1 -9.15 7.66 0.67
N SER C 2 -10.23 7.21 0.13
CA SER C 2 -10.57 5.87 -0.22
C SER C 2 -11.74 6.03 -1.14
N HIS C 3 -11.56 5.57 -2.34
CA HIS C 3 -12.59 5.64 -3.35
C HIS C 3 -12.75 4.27 -3.94
N ARG C 4 -13.86 4.09 -4.62
CA ARG C 4 -14.17 2.79 -5.21
C ARG C 4 -13.91 2.79 -6.73
N ASP C 5 -13.67 1.58 -7.21
CA ASP C 5 -13.35 1.34 -8.62
C ASP C 5 -14.47 1.83 -9.54
N PHE C 6 -15.70 1.47 -9.19
CA PHE C 6 -16.86 1.85 -10.01
C PHE C 6 -17.33 3.27 -9.64
N GLN C 7 -16.54 3.94 -8.82
CA GLN C 7 -16.86 5.31 -8.40
C GLN C 7 -15.74 6.26 -8.78
N PRO C 8 -15.48 6.52 -10.05
CA PRO C 8 -14.38 7.39 -10.44
C PRO C 8 -14.58 8.83 -10.01
N VAL C 9 -13.45 9.52 -9.85
CA VAL C 9 -13.42 10.92 -9.43
C VAL C 9 -12.06 11.51 -9.81
N LEU C 10 -12.03 12.78 -10.13
CA LEU C 10 -10.78 13.50 -10.44
C LEU C 10 -10.74 14.75 -9.54
N HIS C 11 -9.62 14.98 -8.88
CA HIS C 11 -9.52 16.13 -7.96
C HIS C 11 -8.84 17.32 -8.64
N LEU C 12 -9.47 18.49 -8.40
CA LEU C 12 -8.81 19.75 -8.83
C LEU C 12 -8.27 20.26 -7.48
N VAL C 13 -6.94 20.27 -7.32
CA VAL C 13 -6.34 20.69 -6.06
C VAL C 13 -5.35 21.80 -6.40
N ALA C 14 -5.23 22.79 -5.52
CA ALA C 14 -4.33 23.91 -5.76
C ALA C 14 -2.91 23.71 -5.23
N LEU C 15 -1.95 24.36 -5.86
CA LEU C 15 -0.56 24.30 -5.40
C LEU C 15 -0.58 25.12 -4.12
N ASN C 16 0.38 24.86 -3.26
CA ASN C 16 0.47 25.51 -1.95
C ASN C 16 0.80 26.99 -1.82
N ALA C 17 1.37 27.59 -2.86
CA ALA C 17 1.76 29.02 -2.87
C ALA C 17 1.37 29.62 -4.24
N PRO C 18 1.08 30.94 -4.30
CA PRO C 18 0.74 31.56 -5.58
C PRO C 18 1.99 31.55 -6.44
N LEU C 19 1.82 31.51 -7.75
CA LEU C 19 2.99 31.50 -8.66
C LEU C 19 2.79 32.52 -9.79
N SER C 20 3.91 33.12 -10.18
CA SER C 20 3.93 34.10 -11.28
C SER C 20 4.07 33.34 -12.60
N GLY C 21 4.12 34.10 -13.68
CA GLY C 21 4.22 33.56 -15.05
C GLY C 21 5.48 32.69 -15.24
N GLY C 22 6.55 33.10 -14.57
CA GLY C 22 7.86 32.42 -14.65
C GLY C 22 7.83 31.10 -13.86
N MET C 23 7.10 30.15 -14.43
CA MET C 23 6.88 28.82 -13.84
C MET C 23 7.94 27.80 -14.24
N ARG C 24 9.00 28.28 -14.86
CA ARG C 24 10.11 27.39 -15.30
C ARG C 24 9.67 26.54 -16.51
N GLY C 25 8.41 26.71 -16.89
CA GLY C 25 7.76 25.97 -18.03
C GLY C 25 6.65 25.07 -17.45
N ILE C 26 5.97 24.30 -18.31
CA ILE C 26 4.91 23.38 -17.82
C ILE C 26 5.61 22.18 -17.14
N ARG C 27 6.80 21.85 -17.60
CA ARG C 27 7.59 20.77 -17.04
C ARG C 27 7.87 21.16 -15.57
N GLY C 28 8.13 22.43 -15.34
CA GLY C 28 8.41 22.91 -13.99
C GLY C 28 7.16 23.00 -13.12
N ALA C 29 6.06 23.39 -13.73
CA ALA C 29 4.79 23.53 -13.01
C ALA C 29 4.23 22.15 -12.67
N ASP C 30 4.39 21.24 -13.63
CA ASP C 30 3.91 19.86 -13.49
C ASP C 30 4.58 19.17 -12.30
N PHE C 31 5.87 19.42 -12.17
CA PHE C 31 6.68 18.80 -11.11
C PHE C 31 6.24 19.24 -9.70
N GLN C 32 5.73 20.46 -9.58
CA GLN C 32 5.30 21.00 -8.27
C GLN C 32 4.00 20.35 -7.79
N CYS C 33 3.14 20.03 -8.73
CA CYS C 33 1.86 19.37 -8.42
C CYS C 33 2.13 17.96 -7.93
N PHE C 34 3.18 17.42 -8.51
CA PHE C 34 3.66 16.05 -8.25
C PHE C 34 4.20 15.95 -6.81
N GLN C 35 5.13 16.83 -6.52
CA GLN C 35 5.77 16.90 -5.19
C GLN C 35 4.71 17.04 -4.08
N GLN C 36 3.99 18.14 -4.19
CA GLN C 36 2.96 18.55 -3.22
C GLN C 36 1.89 17.47 -3.01
N ALA C 37 1.52 16.78 -4.09
CA ALA C 37 0.49 15.74 -4.03
C ALA C 37 0.97 14.56 -3.20
N ARG C 38 2.16 14.07 -3.47
CA ARG C 38 2.64 12.95 -2.72
C ARG C 38 3.22 13.30 -1.35
N ALA C 39 3.25 14.59 -1.02
CA ALA C 39 3.75 15.04 0.29
C ALA C 39 2.63 14.84 1.31
N VAL C 40 1.40 14.75 0.77
CA VAL C 40 0.17 14.58 1.54
C VAL C 40 -0.46 13.21 1.29
N GLY C 41 0.31 12.31 0.70
CA GLY C 41 -0.18 10.96 0.44
C GLY C 41 -1.08 10.62 -0.75
N LEU C 42 -1.42 11.60 -1.61
CA LEU C 42 -2.30 11.37 -2.76
C LEU C 42 -1.67 10.52 -3.87
N ALA C 43 -2.27 9.35 -4.11
CA ALA C 43 -1.77 8.38 -5.10
C ALA C 43 -1.92 8.63 -6.61
N GLY C 44 -2.54 9.76 -6.97
CA GLY C 44 -2.78 10.07 -8.38
C GLY C 44 -1.68 10.72 -9.20
N THR C 45 -2.05 10.98 -10.46
CA THR C 45 -1.19 11.61 -11.45
C THR C 45 -1.70 13.05 -11.60
N PHE C 46 -0.94 13.98 -11.00
CA PHE C 46 -1.26 15.39 -11.05
C PHE C 46 -0.43 16.17 -12.04
N ARG C 47 -1.13 16.96 -12.86
CA ARG C 47 -0.50 17.78 -13.87
C ARG C 47 -0.98 19.18 -13.62
N ALA C 48 -0.16 20.16 -13.96
CA ALA C 48 -0.53 21.56 -13.81
C ALA C 48 -1.69 21.83 -14.76
N PHE C 49 -2.76 22.36 -14.17
CA PHE C 49 -4.00 22.73 -14.84
C PHE C 49 -3.72 24.08 -15.54
N LEU C 50 -3.07 23.95 -16.70
CA LEU C 50 -2.66 25.06 -17.53
C LEU C 50 -2.56 24.59 -18.98
N SER C 51 -2.56 25.57 -19.90
CA SER C 51 -2.41 25.36 -21.34
C SER C 51 -0.97 25.79 -21.62
N SER C 52 -0.22 24.95 -22.31
CA SER C 52 1.16 25.27 -22.62
C SER C 52 1.41 25.20 -24.15
N ARG C 53 2.67 25.44 -24.53
CA ARG C 53 3.10 25.47 -25.92
C ARG C 53 2.62 24.33 -26.81
N LEU C 54 2.72 23.11 -26.31
CA LEU C 54 2.32 21.95 -27.10
C LEU C 54 1.04 21.25 -26.64
N GLN C 55 0.26 21.83 -25.73
CA GLN C 55 -0.96 21.18 -25.26
C GLN C 55 -2.07 22.12 -24.87
N ASP C 56 -3.29 21.60 -24.94
CA ASP C 56 -4.46 22.36 -24.55
C ASP C 56 -4.78 21.86 -23.16
N LEU C 57 -5.41 22.71 -22.37
CA LEU C 57 -5.82 22.33 -21.02
C LEU C 57 -6.77 21.11 -21.13
N TYR C 58 -7.58 21.09 -22.18
CA TYR C 58 -8.54 20.02 -22.40
C TYR C 58 -7.89 18.63 -22.44
N SER C 59 -6.78 18.51 -23.15
CA SER C 59 -6.08 17.23 -23.31
C SER C 59 -5.24 16.68 -22.14
N ILE C 60 -5.46 17.19 -20.94
CA ILE C 60 -4.74 16.78 -19.73
C ILE C 60 -5.36 15.51 -19.18
N VAL C 61 -6.69 15.49 -19.19
CA VAL C 61 -7.48 14.36 -18.74
C VAL C 61 -7.58 13.37 -19.89
N ARG C 62 -7.32 12.10 -19.62
CA ARG C 62 -7.39 11.09 -20.66
C ARG C 62 -8.85 10.85 -21.04
N ARG C 63 -9.08 10.76 -22.34
CA ARG C 63 -10.39 10.59 -22.98
C ARG C 63 -11.43 9.79 -22.20
N ALA C 64 -11.03 8.61 -21.75
CA ALA C 64 -11.90 7.72 -20.98
C ALA C 64 -12.53 8.35 -19.73
N ASP C 65 -11.89 9.39 -19.18
CA ASP C 65 -12.37 10.08 -17.97
C ASP C 65 -12.89 11.50 -18.22
N ARG C 66 -13.21 11.83 -19.46
CA ARG C 66 -13.64 13.19 -19.80
C ARG C 66 -15.17 13.38 -19.83
N ALA C 67 -15.90 12.31 -20.12
CA ALA C 67 -17.36 12.42 -20.34
C ALA C 67 -18.25 12.20 -19.09
N ALA C 68 -17.76 11.48 -18.08
CA ALA C 68 -18.62 11.17 -16.92
C ALA C 68 -18.00 11.51 -15.54
N VAL C 69 -16.78 11.05 -15.34
CA VAL C 69 -16.03 11.20 -14.05
C VAL C 69 -16.11 12.62 -13.44
N PRO C 70 -16.81 12.77 -12.29
CA PRO C 70 -16.93 14.06 -11.59
C PRO C 70 -15.59 14.62 -11.08
N ILE C 71 -15.46 15.97 -11.21
CA ILE C 71 -14.29 16.79 -10.75
C ILE C 71 -14.61 17.34 -9.35
N VAL C 72 -13.91 16.77 -8.38
CA VAL C 72 -14.11 17.13 -6.96
C VAL C 72 -12.83 17.78 -6.41
N ASN C 73 -12.99 18.36 -5.21
CA ASN C 73 -11.86 19.01 -4.52
C ASN C 73 -11.21 18.01 -3.57
N LEU C 74 -10.21 18.51 -2.87
CA LEU C 74 -9.40 17.73 -1.93
C LEU C 74 -10.26 17.13 -0.81
N LYS C 75 -11.44 17.68 -0.64
CA LYS C 75 -12.38 17.22 0.42
C LYS C 75 -13.45 16.29 -0.19
N ASP C 76 -13.31 16.06 -1.48
CA ASP C 76 -14.19 15.16 -2.24
C ASP C 76 -15.51 15.83 -2.65
N GLU C 77 -15.63 17.11 -2.34
CA GLU C 77 -16.83 17.88 -2.69
C GLU C 77 -16.86 18.12 -4.20
N LEU C 78 -18.07 18.12 -4.74
CA LEU C 78 -18.29 18.29 -6.19
C LEU C 78 -18.04 19.72 -6.65
N LEU C 79 -17.29 19.79 -7.73
CA LEU C 79 -16.93 21.05 -8.40
C LEU C 79 -17.66 21.11 -9.74
N PHE C 80 -17.34 20.14 -10.58
CA PHE C 80 -17.94 20.02 -11.92
C PHE C 80 -18.39 18.59 -12.15
N PRO C 81 -19.56 18.44 -12.80
CA PRO C 81 -20.13 17.11 -13.11
C PRO C 81 -19.17 16.23 -13.90
N SER C 82 -18.43 16.85 -14.82
CA SER C 82 -17.46 16.17 -15.67
C SER C 82 -16.56 17.22 -16.27
N TRP C 83 -15.49 16.75 -16.92
CA TRP C 83 -14.52 17.60 -17.59
C TRP C 83 -15.11 18.31 -18.82
N GLU C 84 -15.93 17.59 -19.60
CA GLU C 84 -16.60 18.12 -20.81
C GLU C 84 -17.54 19.25 -20.40
N ALA C 85 -18.22 19.04 -19.27
CA ALA C 85 -19.13 20.05 -18.72
C ALA C 85 -18.35 21.34 -18.41
N LEU C 86 -17.18 21.16 -17.80
CA LEU C 86 -16.28 22.25 -17.45
C LEU C 86 -15.90 23.07 -18.71
N PHE C 87 -15.39 22.35 -19.71
CA PHE C 87 -14.95 22.90 -20.98
C PHE C 87 -16.00 22.90 -22.09
N SER C 88 -17.22 23.23 -21.73
CA SER C 88 -18.34 23.30 -22.70
C SER C 88 -18.51 24.75 -23.20
N GLY C 89 -17.88 25.69 -22.51
CA GLY C 89 -17.88 27.11 -22.95
C GLY C 89 -18.59 28.07 -21.97
N SER C 90 -19.08 27.53 -20.87
CA SER C 90 -19.78 28.35 -19.86
C SER C 90 -18.76 28.95 -18.87
N GLU C 91 -17.49 28.73 -19.18
CA GLU C 91 -16.34 29.27 -18.39
C GLU C 91 -16.33 28.80 -16.92
N GLY C 92 -16.85 27.60 -16.71
CA GLY C 92 -16.85 26.90 -15.41
C GLY C 92 -17.46 27.73 -14.27
N PRO C 93 -18.76 28.02 -14.28
CA PRO C 93 -19.40 28.75 -13.20
C PRO C 93 -19.31 27.97 -11.90
N LEU C 94 -18.64 28.58 -10.94
CA LEU C 94 -18.50 28.00 -9.60
C LEU C 94 -19.85 28.07 -8.92
N LYS C 95 -20.34 26.94 -8.54
CA LYS C 95 -21.65 26.87 -7.91
C LYS C 95 -21.66 27.58 -6.51
N PRO C 96 -22.84 27.87 -5.85
CA PRO C 96 -22.87 28.57 -4.55
C PRO C 96 -22.12 27.85 -3.44
N GLY C 97 -21.09 28.56 -2.95
CA GLY C 97 -20.22 28.16 -1.80
C GLY C 97 -19.35 26.93 -2.04
N ALA C 98 -18.96 26.68 -3.31
CA ALA C 98 -18.06 25.57 -3.65
C ALA C 98 -16.68 26.11 -3.30
N ARG C 99 -15.78 25.27 -2.80
CA ARG C 99 -14.44 25.78 -2.46
C ARG C 99 -13.33 24.89 -2.97
N ILE C 100 -12.22 25.50 -3.33
CA ILE C 100 -11.05 24.76 -3.84
C ILE C 100 -10.04 24.76 -2.67
N PHE C 101 -9.32 23.66 -2.49
CA PHE C 101 -8.34 23.55 -1.40
C PHE C 101 -6.98 23.24 -1.96
N SER C 102 -5.95 23.79 -1.32
CA SER C 102 -4.57 23.52 -1.70
C SER C 102 -4.22 22.15 -1.11
N PHE C 103 -3.13 21.54 -1.55
CA PHE C 103 -2.73 20.22 -1.05
C PHE C 103 -2.59 20.14 0.48
N ASP C 104 -2.11 21.22 1.09
CA ASP C 104 -1.95 21.26 2.55
C ASP C 104 -3.23 21.66 3.28
N GLY C 105 -4.33 21.68 2.53
CA GLY C 105 -5.63 21.97 3.09
C GLY C 105 -6.13 23.37 3.31
N LYS C 106 -5.51 24.38 2.72
CA LYS C 106 -5.99 25.75 2.89
C LYS C 106 -7.09 26.07 1.89
N ASP C 107 -8.11 26.80 2.32
CA ASP C 107 -9.18 27.22 1.43
C ASP C 107 -8.62 28.44 0.74
N VAL C 108 -8.16 28.19 -0.48
CA VAL C 108 -7.54 29.15 -1.40
C VAL C 108 -8.21 30.54 -1.56
N LEU C 109 -9.54 30.54 -1.63
CA LEU C 109 -10.34 31.73 -1.83
C LEU C 109 -10.53 32.57 -0.56
N ARG C 110 -10.15 32.02 0.59
CA ARG C 110 -10.32 32.74 1.85
C ARG C 110 -9.16 32.65 2.85
N HIS C 111 -7.95 32.48 2.32
CA HIS C 111 -6.74 32.38 3.12
C HIS C 111 -5.71 33.32 2.52
N PRO C 112 -5.15 34.25 3.32
CA PRO C 112 -4.14 35.27 2.99
C PRO C 112 -2.87 34.86 2.24
N THR C 113 -2.64 33.55 2.06
CA THR C 113 -1.48 33.05 1.33
C THR C 113 -1.61 33.41 -0.17
N TRP C 114 -2.87 33.63 -0.57
CA TRP C 114 -3.27 34.01 -1.91
C TRP C 114 -3.90 35.40 -1.80
N PRO C 115 -3.08 36.47 -1.91
CA PRO C 115 -3.62 37.83 -1.83
C PRO C 115 -4.55 38.08 -3.02
N GLN C 116 -4.09 37.67 -4.21
CA GLN C 116 -4.82 37.79 -5.47
C GLN C 116 -5.55 36.48 -5.78
N LYS C 117 -6.87 36.56 -5.81
CA LYS C 117 -7.78 35.42 -6.05
C LYS C 117 -8.12 35.12 -7.51
N SER C 118 -7.08 34.91 -8.32
CA SER C 118 -7.22 34.58 -9.74
C SER C 118 -6.50 33.24 -9.95
N VAL C 119 -6.82 32.58 -11.06
CA VAL C 119 -6.24 31.31 -11.43
C VAL C 119 -5.57 31.46 -12.81
N TRP C 120 -4.34 30.94 -12.95
CA TRP C 120 -3.61 30.94 -14.22
C TRP C 120 -4.12 29.74 -15.02
N HIS C 121 -4.56 29.94 -16.25
CA HIS C 121 -5.04 28.82 -17.10
C HIS C 121 -4.52 28.83 -18.57
N GLY C 122 -4.16 30.02 -19.07
CA GLY C 122 -3.65 30.22 -20.42
C GLY C 122 -4.48 29.60 -21.54
N SER C 123 -5.77 29.47 -21.29
CA SER C 123 -6.70 28.82 -22.23
C SER C 123 -7.96 29.66 -22.53
N ASP C 124 -8.67 29.30 -23.59
CA ASP C 124 -9.95 29.94 -23.95
C ASP C 124 -11.04 29.17 -23.17
N PRO C 125 -12.33 29.59 -23.22
CA PRO C 125 -13.35 28.86 -22.45
C PRO C 125 -13.61 27.37 -22.73
N ASN C 126 -13.04 26.87 -23.82
CA ASN C 126 -13.17 25.49 -24.25
C ASN C 126 -11.88 24.71 -24.02
N GLY C 127 -11.03 25.26 -23.16
CA GLY C 127 -9.79 24.61 -22.82
C GLY C 127 -8.73 24.48 -23.89
N ARG C 128 -8.67 25.46 -24.78
CA ARG C 128 -7.69 25.46 -25.85
C ARG C 128 -6.60 26.49 -25.54
N ARG C 129 -5.38 26.14 -25.88
CA ARG C 129 -4.21 27.00 -25.61
C ARG C 129 -4.28 28.31 -26.42
N LEU C 130 -3.83 29.36 -25.76
CA LEU C 130 -3.74 30.74 -26.32
C LEU C 130 -2.28 31.19 -26.28
N THR C 131 -1.60 31.03 -27.40
CA THR C 131 -0.14 31.32 -27.50
C THR C 131 0.20 32.80 -27.30
N GLU C 132 -0.81 33.65 -27.39
CA GLU C 132 -0.60 35.09 -27.21
C GLU C 132 -0.84 35.49 -25.77
N SER C 133 -1.21 34.53 -24.96
CA SER C 133 -1.52 34.84 -23.57
C SER C 133 -1.36 33.65 -22.63
N TYR C 134 -0.15 33.14 -22.54
CA TYR C 134 0.14 32.07 -21.58
C TYR C 134 1.59 32.22 -21.10
N CYS C 135 1.92 33.48 -20.86
CA CYS C 135 3.23 33.94 -20.34
C CYS C 135 4.39 33.18 -21.00
N GLU C 136 4.38 33.19 -22.32
CA GLU C 136 5.42 32.54 -23.13
C GLU C 136 5.70 31.14 -22.56
N THR C 137 4.62 30.40 -22.47
CA THR C 137 4.62 29.02 -21.96
C THR C 137 5.23 28.97 -20.54
N TRP C 138 4.75 29.90 -19.73
CA TRP C 138 5.10 30.02 -18.30
C TRP C 138 6.61 29.98 -18.10
N ARG C 139 7.27 30.90 -18.77
CA ARG C 139 8.73 31.04 -18.69
C ARG C 139 9.11 32.44 -18.22
N THR C 140 8.17 33.36 -18.38
CA THR C 140 8.41 34.77 -18.01
C THR C 140 7.32 35.31 -17.08
N GLU C 141 7.76 36.29 -16.30
CA GLU C 141 6.91 37.01 -15.34
C GLU C 141 7.11 38.52 -15.54
N ALA C 142 7.40 38.86 -16.79
CA ALA C 142 7.60 40.26 -17.21
C ALA C 142 6.25 40.97 -17.24
N PRO C 143 6.11 42.15 -16.62
CA PRO C 143 4.82 42.83 -16.56
C PRO C 143 4.25 43.10 -17.93
N SER C 144 5.10 43.08 -18.96
CA SER C 144 4.66 43.35 -20.35
C SER C 144 4.00 42.12 -20.97
N ALA C 145 4.41 40.95 -20.51
CA ALA C 145 3.83 39.68 -20.97
C ALA C 145 2.50 39.48 -20.25
N THR C 146 1.67 38.63 -20.81
CA THR C 146 0.37 38.35 -20.20
C THR C 146 0.04 36.87 -20.32
N GLY C 147 -0.78 36.44 -19.39
CA GLY C 147 -1.26 35.06 -19.32
C GLY C 147 -2.74 35.09 -19.06
N GLN C 148 -3.48 34.10 -19.56
CA GLN C 148 -4.94 34.03 -19.34
C GLN C 148 -5.20 33.58 -17.93
N ALA C 149 -6.02 34.35 -17.23
CA ALA C 149 -6.37 34.06 -15.85
C ALA C 149 -7.86 34.26 -15.62
N SER C 150 -8.38 33.68 -14.53
CA SER C 150 -9.79 33.76 -14.13
C SER C 150 -9.86 34.32 -12.72
N SER C 151 -10.89 35.12 -12.44
CA SER C 151 -11.06 35.70 -11.12
C SER C 151 -12.08 34.85 -10.37
N LEU C 152 -11.60 34.09 -9.39
CA LEU C 152 -12.44 33.24 -8.59
C LEU C 152 -13.59 34.02 -7.94
N LEU C 153 -13.39 35.33 -7.73
CA LEU C 153 -14.43 36.19 -7.14
C LEU C 153 -15.50 36.60 -8.18
N GLY C 154 -15.22 36.31 -9.44
CA GLY C 154 -16.17 36.59 -10.50
C GLY C 154 -17.06 35.39 -10.73
N GLY C 155 -16.82 34.34 -9.94
CA GLY C 155 -17.59 33.12 -10.01
C GLY C 155 -17.26 32.14 -11.12
N ARG C 156 -16.11 32.29 -11.77
CA ARG C 156 -15.74 31.41 -12.88
C ARG C 156 -14.34 30.78 -12.75
N LEU C 157 -14.17 29.63 -13.41
CA LEU C 157 -12.90 28.91 -13.39
C LEU C 157 -12.15 29.07 -14.70
N LEU C 158 -12.85 29.59 -15.69
CA LEU C 158 -12.24 29.79 -16.99
C LEU C 158 -12.67 31.14 -17.58
N GLY C 159 -12.66 32.16 -16.73
CA GLY C 159 -12.98 33.51 -17.15
C GLY C 159 -11.81 33.90 -18.03
N GLN C 160 -11.99 34.90 -18.86
CA GLN C 160 -10.95 35.30 -19.80
C GLN C 160 -10.38 36.66 -19.44
N SER C 161 -9.10 36.70 -19.06
CA SER C 161 -8.43 37.96 -18.69
C SER C 161 -6.95 37.84 -19.03
N ALA C 162 -6.46 38.71 -19.92
CA ALA C 162 -5.04 38.72 -20.24
C ALA C 162 -4.46 39.51 -19.07
N ALA C 163 -3.78 38.82 -18.14
CA ALA C 163 -3.19 39.42 -16.94
C ALA C 163 -1.65 39.45 -16.96
N SER C 164 -1.06 40.56 -16.49
CA SER C 164 0.39 40.75 -16.43
C SER C 164 1.06 39.55 -15.79
N CYS C 165 2.15 39.05 -16.37
CA CYS C 165 2.83 37.90 -15.79
C CYS C 165 3.55 38.12 -14.48
N HIS C 166 3.69 39.35 -14.00
CA HIS C 166 4.40 39.52 -12.73
C HIS C 166 3.55 39.09 -11.54
N HIS C 167 2.27 38.84 -11.83
CA HIS C 167 1.25 38.43 -10.87
C HIS C 167 1.41 37.03 -10.33
N ALA C 168 1.29 36.92 -9.01
CA ALA C 168 1.37 35.66 -8.28
C ALA C 168 -0.10 35.29 -8.13
N TYR C 169 -0.53 34.30 -8.91
CA TYR C 169 -1.90 33.82 -8.91
C TYR C 169 -1.94 32.36 -8.52
N ILE C 170 -3.13 31.83 -8.41
CA ILE C 170 -3.32 30.43 -8.04
C ILE C 170 -3.05 29.52 -9.26
N VAL C 171 -2.47 28.36 -9.01
CA VAL C 171 -2.19 27.38 -10.06
C VAL C 171 -2.88 26.09 -9.58
N LEU C 172 -3.70 25.49 -10.43
CA LEU C 172 -4.41 24.26 -10.05
C LEU C 172 -3.76 22.98 -10.63
N CYS C 173 -4.13 21.85 -10.06
CA CYS C 173 -3.62 20.56 -10.45
C CYS C 173 -4.76 19.61 -10.61
N ILE C 174 -4.89 19.09 -11.83
CA ILE C 174 -5.95 18.15 -12.15
C ILE C 174 -5.30 16.77 -12.27
N GLU C 175 -5.95 15.80 -11.63
CA GLU C 175 -5.54 14.42 -11.66
C GLU C 175 -5.88 14.04 -13.09
N ASN C 176 -4.88 13.56 -13.83
CA ASN C 176 -5.04 13.22 -15.25
C ASN C 176 -5.89 11.99 -15.63
N SER C 177 -6.22 11.16 -14.64
CA SER C 177 -7.02 9.98 -14.84
C SER C 177 -7.30 9.44 -13.47
N PHE C 178 -8.50 8.85 -13.31
CA PHE C 178 -8.86 8.22 -12.03
C PHE C 178 -8.19 6.84 -12.05
N HIS D 1 -22.35 3.54 6.46
CA HIS D 1 -23.07 4.22 5.36
C HIS D 1 -23.22 5.69 5.57
N SER D 2 -22.68 6.24 4.53
CA SER D 2 -22.58 7.61 4.20
C SER D 2 -22.25 7.59 2.72
N HIS D 3 -23.12 8.15 1.96
CA HIS D 3 -22.95 8.23 0.52
C HIS D 3 -23.13 9.67 0.10
N ARG D 4 -22.68 9.95 -1.10
CA ARG D 4 -22.75 11.31 -1.62
C ARG D 4 -23.89 11.46 -2.62
N ASP D 5 -24.33 12.71 -2.73
CA ASP D 5 -25.45 13.08 -3.59
C ASP D 5 -25.17 12.74 -5.06
N PHE D 6 -23.98 13.10 -5.52
CA PHE D 6 -23.60 12.83 -6.91
C PHE D 6 -23.06 11.41 -7.07
N GLN D 7 -23.19 10.62 -6.01
CA GLN D 7 -22.72 9.22 -6.02
C GLN D 7 -23.88 8.28 -5.71
N PRO D 8 -24.88 8.16 -6.57
CA PRO D 8 -26.01 7.29 -6.27
C PRO D 8 -25.65 5.81 -6.20
N VAL D 9 -26.46 5.08 -5.45
CA VAL D 9 -26.27 3.64 -5.25
C VAL D 9 -27.61 3.06 -4.75
N LEU D 10 -27.87 1.82 -5.12
CA LEU D 10 -29.08 1.09 -4.65
C LEU D 10 -28.60 -0.23 -4.06
N HIS D 11 -29.08 -0.57 -2.88
CA HIS D 11 -28.62 -1.81 -2.22
C HIS D 11 -29.62 -2.95 -2.44
N LEU D 12 -29.04 -4.12 -2.76
CA LEU D 12 -29.87 -5.35 -2.81
C LEU D 12 -29.47 -6.01 -1.48
N VAL D 13 -30.40 -6.08 -0.55
CA VAL D 13 -30.11 -6.65 0.76
C VAL D 13 -31.14 -7.74 1.01
N ALA D 14 -30.73 -8.83 1.67
CA ALA D 14 -31.62 -9.95 1.93
C ALA D 14 -32.39 -9.85 3.24
N LEU D 15 -33.58 -10.47 3.29
CA LEU D 15 -34.36 -10.49 4.51
C LEU D 15 -33.60 -11.44 5.41
N ASN D 16 -33.80 -11.31 6.70
CA ASN D 16 -33.08 -12.08 7.70
C ASN D 16 -33.31 -13.59 7.87
N ALA D 17 -34.43 -14.10 7.35
CA ALA D 17 -34.79 -15.52 7.44
C ALA D 17 -35.37 -15.96 6.07
N PRO D 18 -35.23 -17.27 5.72
CA PRO D 18 -35.78 -17.74 4.44
C PRO D 18 -37.29 -17.68 4.55
N LEU D 19 -37.97 -17.49 3.44
CA LEU D 19 -39.46 -17.43 3.46
C LEU D 19 -40.04 -18.32 2.36
N SER D 20 -41.18 -18.90 2.68
CA SER D 20 -41.92 -19.77 1.75
C SER D 20 -42.84 -18.88 0.88
N GLY D 21 -43.56 -19.53 0.00
CA GLY D 21 -44.47 -18.84 -0.96
C GLY D 21 -45.54 -18.00 -0.23
N GLY D 22 -45.97 -18.52 0.92
CA GLY D 22 -47.02 -17.87 1.74
C GLY D 22 -46.45 -16.64 2.47
N MET D 23 -46.20 -15.61 1.67
CA MET D 23 -45.60 -14.35 2.13
C MET D 23 -46.65 -13.33 2.59
N ARG D 24 -47.88 -13.77 2.71
CA ARG D 24 -48.99 -12.88 3.15
C ARG D 24 -49.37 -11.89 2.02
N GLY D 25 -48.62 -11.98 0.92
CA GLY D 25 -48.79 -11.11 -0.28
C GLY D 25 -47.53 -10.24 -0.44
N ILE D 26 -47.50 -9.36 -1.44
CA ILE D 26 -46.33 -8.45 -1.62
C ILE D 26 -46.41 -7.37 -0.55
N ARG D 27 -47.61 -7.03 -0.13
CA ARG D 27 -47.84 -6.04 0.91
C ARG D 27 -47.16 -6.58 2.18
N GLY D 28 -47.27 -7.88 2.39
CA GLY D 28 -46.67 -8.50 3.56
C GLY D 28 -45.15 -8.64 3.46
N ALA D 29 -44.69 -8.94 2.26
CA ALA D 29 -43.25 -9.11 2.01
C ALA D 29 -42.55 -7.75 2.07
N ASP D 30 -43.23 -6.76 1.52
CA ASP D 30 -42.72 -5.38 1.47
C ASP D 30 -42.48 -4.84 2.88
N PHE D 31 -43.41 -5.15 3.76
CA PHE D 31 -43.36 -4.66 5.14
C PHE D 31 -42.16 -5.23 5.92
N GLN D 32 -41.73 -6.44 5.58
CA GLN D 32 -40.61 -7.11 6.27
C GLN D 32 -39.25 -6.47 5.90
N CYS D 33 -39.16 -6.02 4.67
CA CYS D 33 -37.95 -5.37 4.17
C CYS D 33 -37.80 -4.02 4.86
N PHE D 34 -38.95 -3.45 5.12
CA PHE D 34 -39.10 -2.14 5.77
C PHE D 34 -38.63 -2.21 7.22
N GLN D 35 -39.21 -3.15 7.95
CA GLN D 35 -38.89 -3.37 9.36
C GLN D 35 -37.38 -3.58 9.55
N GLN D 36 -36.93 -4.64 8.91
CA GLN D 36 -35.54 -5.12 8.99
C GLN D 36 -34.53 -4.04 8.59
N ALA D 37 -34.89 -3.23 7.59
CA ALA D 37 -34.01 -2.16 7.11
C ALA D 37 -33.81 -1.09 8.16
N ARG D 38 -34.89 -0.61 8.75
CA ARG D 38 -34.75 0.41 9.75
C ARG D 38 -34.36 -0.11 11.13
N ALA D 39 -34.24 -1.43 11.28
CA ALA D 39 -33.83 -2.02 12.55
C ALA D 39 -32.31 -1.90 12.67
N VAL D 40 -31.68 -1.72 11.50
CA VAL D 40 -30.24 -1.58 11.34
C VAL D 40 -29.84 -0.18 10.90
N GLY D 41 -30.77 0.77 11.01
CA GLY D 41 -30.50 2.14 10.64
C GLY D 41 -30.53 2.64 9.20
N LEU D 42 -30.83 1.77 8.23
CA LEU D 42 -30.86 2.15 6.80
C LEU D 42 -32.00 3.08 6.42
N ALA D 43 -31.64 4.29 5.98
CA ALA D 43 -32.60 5.35 5.62
C ALA D 43 -33.43 5.25 4.32
N GLY D 44 -33.22 4.19 3.54
CA GLY D 44 -33.91 4.04 2.28
C GLY D 44 -35.31 3.42 2.25
N THR D 45 -35.82 3.33 1.03
CA THR D 45 -37.13 2.77 0.72
C THR D 45 -36.89 1.37 0.15
N PHE D 46 -37.15 0.36 0.98
CA PHE D 46 -36.96 -1.03 0.60
C PHE D 46 -38.27 -1.72 0.27
N ARG D 47 -38.27 -2.40 -0.87
CA ARG D 47 -39.42 -3.12 -1.36
C ARG D 47 -38.94 -4.53 -1.62
N ALA D 48 -39.83 -5.50 -1.47
CA ALA D 48 -39.51 -6.89 -1.72
C ALA D 48 -39.21 -7.02 -3.21
N PHE D 49 -38.02 -7.58 -3.47
CA PHE D 49 -37.48 -7.83 -4.80
C PHE D 49 -38.19 -9.11 -5.31
N LEU D 50 -39.41 -8.88 -5.78
CA LEU D 50 -40.28 -9.91 -6.29
C LEU D 50 -41.25 -9.30 -7.30
N SER D 51 -41.86 -10.17 -8.11
CA SER D 51 -42.87 -9.82 -9.12
C SER D 51 -44.19 -10.27 -8.49
N SER D 52 -45.17 -9.38 -8.48
CA SER D 52 -46.46 -9.72 -7.89
C SER D 52 -47.60 -9.50 -8.91
N ARG D 53 -48.82 -9.73 -8.45
CA ARG D 53 -50.04 -9.63 -9.25
C ARG D 53 -50.16 -8.39 -10.13
N LEU D 54 -49.88 -7.23 -9.56
CA LEU D 54 -50.02 -5.99 -10.30
C LEU D 54 -48.71 -5.30 -10.68
N GLN D 55 -47.55 -5.95 -10.51
CA GLN D 55 -46.27 -5.30 -10.83
C GLN D 55 -45.20 -6.24 -11.32
N ASP D 56 -44.27 -5.68 -12.07
CA ASP D 56 -43.15 -6.43 -12.58
C ASP D 56 -42.01 -6.08 -11.65
N LEU D 57 -41.06 -6.98 -11.51
CA LEU D 57 -39.89 -6.74 -10.69
C LEU D 57 -39.16 -5.48 -11.23
N TYR D 58 -39.17 -5.32 -12.56
CA TYR D 58 -38.53 -4.20 -13.21
C TYR D 58 -39.00 -2.85 -12.70
N SER D 59 -40.31 -2.68 -12.55
CA SER D 59 -40.89 -1.42 -12.11
C SER D 59 -40.82 -1.02 -10.62
N ILE D 60 -39.91 -1.65 -9.87
CA ILE D 60 -39.71 -1.39 -8.44
C ILE D 60 -38.83 -0.16 -8.27
N VAL D 61 -37.79 -0.10 -9.11
CA VAL D 61 -36.85 1.01 -9.13
C VAL D 61 -37.46 2.11 -9.99
N ARG D 62 -37.43 3.33 -9.48
CA ARG D 62 -37.99 4.45 -10.23
C ARG D 62 -37.07 4.78 -11.41
N ARG D 63 -37.70 5.01 -12.56
CA ARG D 63 -37.06 5.29 -13.84
C ARG D 63 -35.73 6.04 -13.81
N ALA D 64 -35.71 7.15 -13.09
CA ALA D 64 -34.53 7.98 -12.94
C ALA D 64 -33.28 7.25 -12.43
N ASP D 65 -33.48 6.13 -11.72
CA ASP D 65 -32.39 5.33 -11.14
C ASP D 65 -32.18 3.97 -11.81
N ARG D 66 -32.71 3.78 -12.99
CA ARG D 66 -32.64 2.48 -13.67
C ARG D 66 -31.48 2.35 -14.68
N ALA D 67 -31.04 3.45 -15.23
CA ALA D 67 -30.04 3.42 -16.33
C ALA D 67 -28.56 3.54 -15.88
N ALA D 68 -28.29 4.13 -14.72
CA ALA D 68 -26.87 4.36 -14.32
C ALA D 68 -26.52 3.85 -12.91
N VAL D 69 -27.33 4.24 -11.94
CA VAL D 69 -27.12 3.94 -10.50
C VAL D 69 -26.73 2.47 -10.21
N PRO D 70 -25.49 2.21 -9.77
CA PRO D 70 -25.00 0.87 -9.43
C PRO D 70 -25.76 0.20 -8.26
N ILE D 71 -25.99 -1.12 -8.43
CA ILE D 71 -26.65 -2.03 -7.41
C ILE D 71 -25.55 -2.69 -6.58
N VAL D 72 -25.47 -2.27 -5.34
CA VAL D 72 -24.45 -2.76 -4.39
C VAL D 72 -25.12 -3.50 -3.23
N ASN D 73 -24.30 -4.20 -2.47
CA ASN D 73 -24.78 -4.95 -1.30
C ASN D 73 -24.64 -4.09 -0.05
N LEU D 74 -25.02 -4.69 1.05
CA LEU D 74 -25.03 -4.04 2.38
C LEU D 74 -23.64 -3.52 2.78
N LYS D 75 -22.62 -4.06 2.12
CA LYS D 75 -21.23 -3.68 2.40
C LYS D 75 -20.72 -2.66 1.37
N ASP D 76 -21.62 -2.30 0.47
CA ASP D 76 -21.38 -1.30 -0.58
C ASP D 76 -20.62 -1.88 -1.79
N GLU D 77 -20.40 -3.17 -1.76
CA GLU D 77 -19.69 -3.86 -2.85
C GLU D 77 -20.62 -3.95 -4.07
N LEU D 78 -20.01 -3.85 -5.24
CA LEU D 78 -20.75 -3.85 -6.52
C LEU D 78 -21.28 -5.24 -6.87
N LEU D 79 -22.55 -5.22 -7.25
CA LEU D 79 -23.29 -6.41 -7.67
C LEU D 79 -23.56 -6.31 -9.17
N PHE D 80 -24.30 -5.27 -9.53
CA PHE D 80 -24.66 -4.99 -10.92
C PHE D 80 -24.38 -3.54 -11.25
N PRO D 81 -23.87 -3.27 -12.46
CA PRO D 81 -23.56 -1.91 -12.91
C PRO D 81 -24.77 -0.98 -12.84
N SER D 82 -25.95 -1.52 -13.16
CA SER D 82 -27.20 -0.79 -13.14
C SER D 82 -28.33 -1.79 -13.15
N TRP D 83 -29.55 -1.30 -12.94
CA TRP D 83 -30.76 -2.10 -12.95
C TRP D 83 -31.10 -2.66 -14.35
N GLU D 84 -30.90 -1.85 -15.40
CA GLU D 84 -31.15 -2.22 -16.81
C GLU D 84 -30.21 -3.35 -17.18
N ALA D 85 -28.97 -3.24 -16.70
CA ALA D 85 -27.95 -4.26 -16.94
C ALA D 85 -28.42 -5.61 -16.35
N LEU D 86 -28.95 -5.54 -15.14
CA LEU D 86 -29.48 -6.69 -14.42
C LEU D 86 -30.58 -7.37 -15.24
N PHE D 87 -31.58 -6.58 -15.63
CA PHE D 87 -32.74 -7.00 -16.39
C PHE D 87 -32.61 -6.85 -17.91
N SER D 88 -31.44 -7.18 -18.42
CA SER D 88 -31.17 -7.10 -19.86
C SER D 88 -31.41 -8.49 -20.52
N GLY D 89 -31.51 -9.53 -19.69
CA GLY D 89 -31.84 -10.89 -20.17
C GLY D 89 -30.71 -11.91 -19.95
N SER D 90 -29.62 -11.49 -19.35
CA SER D 90 -28.49 -12.38 -19.08
C SER D 90 -28.69 -13.10 -17.74
N GLU D 91 -29.87 -12.91 -17.17
CA GLU D 91 -30.29 -13.56 -15.90
C GLU D 91 -29.38 -13.24 -14.70
N GLY D 92 -28.79 -12.06 -14.74
CA GLY D 92 -27.95 -11.50 -13.65
C GLY D 92 -26.79 -12.43 -13.22
N PRO D 93 -25.80 -12.67 -14.08
CA PRO D 93 -24.66 -13.48 -13.72
C PRO D 93 -23.89 -12.86 -12.58
N LEU D 94 -23.84 -13.58 -11.47
CA LEU D 94 -23.09 -13.15 -10.28
C LEU D 94 -21.61 -13.25 -10.61
N LYS D 95 -20.95 -12.14 -10.50
CA LYS D 95 -19.53 -12.10 -10.83
C LYS D 95 -18.68 -12.95 -9.81
N PRO D 96 -17.36 -13.27 -10.06
CA PRO D 96 -16.56 -14.11 -9.15
C PRO D 96 -16.43 -13.53 -7.74
N GLY D 97 -16.96 -14.32 -6.80
CA GLY D 97 -16.90 -14.07 -5.33
C GLY D 97 -17.68 -12.84 -4.85
N ALA D 98 -18.76 -12.47 -5.55
CA ALA D 98 -19.64 -11.36 -5.15
C ALA D 98 -20.51 -11.98 -4.07
N ARG D 99 -20.88 -11.24 -3.04
CA ARG D 99 -21.74 -11.82 -1.99
C ARG D 99 -22.89 -10.91 -1.60
N ILE D 100 -24.02 -11.52 -1.26
CA ILE D 100 -25.21 -10.78 -0.85
C ILE D 100 -25.27 -10.93 0.68
N PHE D 101 -25.68 -9.87 1.39
CA PHE D 101 -25.76 -9.92 2.86
C PHE D 101 -27.16 -9.59 3.30
N SER D 102 -27.59 -10.25 4.38
CA SER D 102 -28.89 -9.98 4.97
C SER D 102 -28.75 -8.68 5.79
N PHE D 103 -29.86 -8.06 6.19
CA PHE D 103 -29.82 -6.82 6.96
C PHE D 103 -28.96 -6.91 8.23
N ASP D 104 -28.99 -8.06 8.91
CA ASP D 104 -28.21 -8.26 10.13
C ASP D 104 -26.77 -8.69 9.86
N GLY D 105 -26.38 -8.59 8.59
CA GLY D 105 -25.02 -8.89 8.19
C GLY D 105 -24.55 -10.29 7.90
N LYS D 106 -25.45 -11.26 7.72
CA LYS D 106 -25.02 -12.62 7.42
C LYS D 106 -24.80 -12.80 5.92
N ASP D 107 -23.76 -13.54 5.55
CA ASP D 107 -23.50 -13.82 4.15
C ASP D 107 -24.41 -14.99 3.85
N VAL D 108 -25.51 -14.63 3.21
CA VAL D 108 -26.61 -15.51 2.79
C VAL D 108 -26.24 -16.86 2.10
N LEU D 109 -25.24 -16.80 1.23
CA LEU D 109 -24.79 -17.95 0.44
C LEU D 109 -23.89 -18.90 1.22
N ARG D 110 -23.44 -18.48 2.41
CA ARG D 110 -22.56 -19.32 3.21
C ARG D 110 -22.85 -19.37 4.71
N HIS D 111 -24.11 -19.18 5.07
CA HIS D 111 -24.55 -19.21 6.45
C HIS D 111 -25.78 -20.12 6.53
N PRO D 112 -25.75 -21.15 7.41
CA PRO D 112 -26.79 -22.16 7.69
C PRO D 112 -28.23 -21.71 7.93
N THR D 113 -28.46 -20.41 8.07
CA THR D 113 -29.81 -19.86 8.27
C THR D 113 -30.65 -20.07 6.99
N TRP D 114 -29.93 -20.19 5.87
CA TRP D 114 -30.47 -20.42 4.55
C TRP D 114 -29.96 -21.79 4.09
N PRO D 115 -30.71 -22.87 4.41
CA PRO D 115 -30.29 -24.21 4.00
C PRO D 115 -30.31 -24.31 2.46
N GLN D 116 -31.40 -23.80 1.88
CA GLN D 116 -31.61 -23.77 0.44
C GLN D 116 -31.19 -22.39 -0.12
N LYS D 117 -30.16 -22.43 -0.98
CA LYS D 117 -29.56 -21.25 -1.61
C LYS D 117 -30.19 -20.78 -2.94
N SER D 118 -31.51 -20.53 -2.90
CA SER D 118 -32.26 -20.04 -4.04
C SER D 118 -32.90 -18.71 -3.63
N VAL D 119 -33.32 -17.93 -4.62
CA VAL D 119 -33.94 -16.64 -4.42
C VAL D 119 -35.34 -16.67 -5.08
N TRP D 120 -36.37 -16.18 -4.38
CA TRP D 120 -37.73 -16.08 -4.91
C TRP D 120 -37.77 -14.78 -5.72
N HIS D 121 -38.21 -14.83 -6.98
CA HIS D 121 -38.32 -13.63 -7.81
C HIS D 121 -39.63 -13.49 -8.64
N GLY D 122 -40.28 -14.64 -8.92
CA GLY D 122 -41.53 -14.70 -9.68
C GLY D 122 -41.54 -13.95 -10.99
N SER D 123 -40.37 -13.80 -11.60
CA SER D 123 -40.20 -13.03 -12.84
C SER D 123 -39.44 -13.79 -13.92
N ASP D 124 -39.52 -13.30 -15.17
CA ASP D 124 -38.77 -13.85 -16.31
C ASP D 124 -37.41 -13.14 -16.30
N PRO D 125 -36.44 -13.51 -17.19
CA PRO D 125 -35.14 -12.83 -17.14
C PRO D 125 -35.05 -11.30 -17.37
N ASN D 126 -36.16 -10.71 -17.82
CA ASN D 126 -36.27 -9.30 -18.08
C ASN D 126 -37.10 -8.59 -17.03
N GLY D 127 -37.26 -9.25 -15.89
CA GLY D 127 -37.99 -8.68 -14.78
C GLY D 127 -39.47 -8.48 -14.95
N ARG D 128 -40.11 -9.35 -15.70
CA ARG D 128 -41.55 -9.28 -15.92
C ARG D 128 -42.25 -10.37 -15.10
N ARG D 129 -43.41 -10.03 -14.56
CA ARG D 129 -44.19 -10.95 -13.72
C ARG D 129 -44.68 -12.17 -14.54
N LEU D 130 -44.66 -13.30 -13.84
CA LEU D 130 -45.13 -14.60 -14.36
C LEU D 130 -46.28 -15.10 -13.46
N THR D 131 -47.50 -14.85 -13.89
CA THR D 131 -48.71 -15.17 -13.09
C THR D 131 -48.91 -16.68 -12.88
N GLU D 132 -48.21 -17.48 -13.66
CA GLU D 132 -48.32 -18.94 -13.55
C GLU D 132 -47.26 -19.48 -12.60
N SER D 133 -46.42 -18.60 -12.12
CA SER D 133 -45.34 -19.03 -11.26
C SER D 133 -44.82 -17.97 -10.31
N TYR D 134 -45.70 -17.51 -9.44
CA TYR D 134 -45.28 -16.56 -8.41
C TYR D 134 -46.12 -16.79 -7.14
N CYS D 135 -46.28 -18.09 -6.88
CA CYS D 135 -47.00 -18.63 -5.71
C CYS D 135 -48.29 -17.86 -5.42
N GLU D 136 -49.10 -17.73 -6.46
CA GLU D 136 -50.39 -17.02 -6.36
C GLU D 136 -50.20 -15.71 -5.61
N THR D 137 -49.27 -14.94 -6.14
CA THR D 137 -48.89 -13.63 -5.60
C THR D 137 -48.49 -13.74 -4.12
N TRP D 138 -47.65 -14.73 -3.88
CA TRP D 138 -47.04 -15.03 -2.56
C TRP D 138 -48.09 -15.05 -1.46
N ARG D 139 -49.06 -15.91 -1.66
CA ARG D 139 -50.17 -16.10 -0.72
C ARG D 139 -50.22 -17.56 -0.25
N THR D 140 -49.64 -18.44 -1.05
CA THR D 140 -49.64 -19.88 -0.76
C THR D 140 -48.23 -20.48 -0.77
N GLU D 141 -48.12 -21.54 0.00
CA GLU D 141 -46.90 -22.33 0.16
C GLU D 141 -47.23 -23.82 -0.04
N ALA D 142 -48.25 -24.04 -0.86
CA ALA D 142 -48.73 -25.38 -1.20
C ALA D 142 -47.71 -26.05 -2.15
N PRO D 143 -47.26 -27.28 -1.86
CA PRO D 143 -46.26 -27.92 -2.68
C PRO D 143 -46.67 -28.03 -4.15
N SER D 144 -47.97 -27.93 -4.41
CA SER D 144 -48.51 -28.04 -5.78
C SER D 144 -48.32 -26.73 -6.56
N ALA D 145 -48.31 -25.63 -5.82
CA ALA D 145 -48.09 -24.30 -6.42
C ALA D 145 -46.60 -24.13 -6.67
N THR D 146 -46.25 -23.20 -7.52
CA THR D 146 -44.84 -22.95 -7.83
C THR D 146 -44.61 -21.44 -7.98
N GLY D 147 -43.38 -21.09 -7.73
CA GLY D 147 -42.90 -19.72 -7.82
C GLY D 147 -41.58 -19.72 -8.55
N GLN D 148 -41.27 -18.66 -9.30
CA GLN D 148 -40.00 -18.56 -10.02
C GLN D 148 -38.89 -18.26 -9.05
N ALA D 149 -37.85 -19.07 -9.09
CA ALA D 149 -36.71 -18.92 -8.21
C ALA D 149 -35.40 -19.09 -8.98
N SER D 150 -34.30 -18.61 -8.39
CA SER D 150 -32.96 -18.68 -8.97
C SER D 150 -32.03 -19.39 -7.99
N SER D 151 -31.09 -20.17 -8.48
CA SER D 151 -30.15 -20.88 -7.62
C SER D 151 -28.86 -20.09 -7.59
N LEU D 152 -28.60 -19.45 -6.45
CA LEU D 152 -27.40 -18.65 -6.26
C LEU D 152 -26.15 -19.46 -6.56
N LEU D 153 -26.22 -20.79 -6.40
CA LEU D 153 -25.08 -21.68 -6.68
C LEU D 153 -24.89 -21.94 -8.19
N GLY D 154 -25.89 -21.54 -8.97
CA GLY D 154 -25.82 -21.68 -10.41
C GLY D 154 -25.21 -20.42 -11.02
N GLY D 155 -24.86 -19.48 -10.16
CA GLY D 155 -24.25 -18.22 -10.55
C GLY D 155 -25.16 -17.15 -11.11
N ARG D 156 -26.48 -17.26 -10.92
CA ARG D 156 -27.43 -16.29 -11.46
C ARG D 156 -28.42 -15.72 -10.43
N LEU D 157 -28.91 -14.51 -10.71
CA LEU D 157 -29.86 -13.84 -9.83
C LEU D 157 -31.26 -13.88 -10.40
N LEU D 158 -31.37 -14.27 -11.67
CA LEU D 158 -32.66 -14.36 -12.31
C LEU D 158 -32.74 -15.63 -13.17
N GLY D 159 -32.26 -16.73 -12.61
CA GLY D 159 -32.33 -18.02 -13.27
C GLY D 159 -33.80 -18.34 -13.27
N GLN D 160 -34.22 -19.26 -14.12
CA GLN D 160 -35.62 -19.58 -14.25
C GLN D 160 -35.91 -20.99 -13.75
N SER D 161 -36.67 -21.12 -12.67
CA SER D 161 -37.01 -22.42 -12.09
C SER D 161 -38.38 -22.32 -11.42
N ALA D 162 -39.35 -23.11 -11.89
CA ALA D 162 -40.67 -23.13 -11.26
C ALA D 162 -40.42 -24.06 -10.07
N ALA D 163 -40.34 -23.49 -8.86
CA ALA D 163 -40.08 -24.23 -7.63
C ALA D 163 -41.30 -24.31 -6.69
N SER D 164 -41.51 -25.48 -6.07
CA SER D 164 -42.63 -25.73 -5.14
C SER D 164 -42.70 -24.62 -4.10
N CYS D 165 -43.89 -24.10 -3.82
CA CYS D 165 -44.01 -23.04 -2.83
C CYS D 165 -43.77 -23.41 -1.39
N HIS D 166 -43.64 -24.69 -1.06
CA HIS D 166 -43.40 -25.02 0.36
C HIS D 166 -41.98 -24.69 0.80
N HIS D 167 -41.15 -24.37 -0.20
CA HIS D 167 -39.74 -24.03 -0.04
C HIS D 167 -39.48 -22.69 0.61
N ALA D 168 -38.56 -22.72 1.58
CA ALA D 168 -38.12 -21.55 2.31
C ALA D 168 -36.87 -21.15 1.55
N TYR D 169 -36.97 -20.06 0.79
CA TYR D 169 -35.87 -19.54 -0.02
C TYR D 169 -35.55 -18.14 0.42
N ILE D 170 -34.52 -17.57 -0.18
CA ILE D 170 -34.09 -16.22 0.13
C ILE D 170 -35.02 -15.20 -0.57
N VAL D 171 -35.28 -14.09 0.11
CA VAL D 171 -36.12 -13.02 -0.44
C VAL D 171 -35.23 -11.77 -0.35
N LEU D 172 -35.08 -11.05 -1.46
CA LEU D 172 -34.26 -9.84 -1.49
C LEU D 172 -35.06 -8.54 -1.40
N CYS D 173 -34.37 -7.46 -1.08
CA CYS D 173 -34.97 -6.14 -0.92
C CYS D 173 -34.13 -5.15 -1.68
N ILE D 174 -34.77 -4.50 -2.64
CA ILE D 174 -34.10 -3.50 -3.45
C ILE D 174 -34.63 -2.15 -3.00
N GLU D 175 -33.69 -1.22 -2.81
CA GLU D 175 -33.97 0.15 -2.43
C GLU D 175 -34.58 0.68 -3.72
N ASN D 176 -35.81 1.21 -3.63
CA ASN D 176 -36.54 1.70 -4.79
C ASN D 176 -36.06 2.99 -5.48
N SER D 177 -35.16 3.72 -4.84
CA SER D 177 -34.62 4.94 -5.37
C SER D 177 -33.52 5.34 -4.44
N PHE D 178 -32.46 5.94 -4.99
CA PHE D 178 -31.35 6.45 -4.15
C PHE D 178 -31.84 7.80 -3.61
#